data_6MVX
#
_entry.id   6MVX
#
_cell.length_a   177.525
_cell.length_b   177.687
_cell.length_c   192.923
_cell.angle_alpha   90.00
_cell.angle_beta   90.00
_cell.angle_gamma   90.00
#
_symmetry.space_group_name_H-M   'C 2 2 21'
#
loop_
_entity.id
_entity.type
_entity.pdbx_description
1 polymer 'Ion transport protein'
2 non-polymer 'PHOSPHATE ION'
3 non-polymer Flecainide
#
_entity_poly.entity_id   1
_entity_poly.type   'polypeptide(L)'
_entity_poly.pdbx_seq_one_letter_code
;MDYKDDDDKGSLVPRGSHMYLRITNIVESSFFTKFIIYLIVLNGITMGLETSKTFMQSFGVYTTLFNQIVITIFTIEIIL
RIYVHRISFFKDPWSLFDFFVVAISLVPTSSGFEILRVLRVLRLFRLVTAVPQMRKIVSALISVIPGMLSVIALMTLFFY
IFAIMATQLFGERFPEWFGTLGESFYTLFQVMTLESWSMGIVRPLMEVYPYAWVFFIPFIFVVTFVMINLVVAICVDAMA
ILNQKEEQHIIDEVQSHEDNINNEIIKLREEIVELKELIKTSLKN
;
_entity_poly.pdbx_strand_id   A,B,C,D
#
# COMPACT_ATOMS: atom_id res chain seq x y z
N LEU A 21 32.18 -2.14 45.15
CA LEU A 21 32.26 -3.50 44.63
C LEU A 21 31.19 -4.40 45.27
N ARG A 22 30.74 -4.03 46.47
CA ARG A 22 29.69 -4.79 47.14
C ARG A 22 28.39 -4.78 46.33
N ILE A 23 27.97 -3.60 45.87
CA ILE A 23 26.75 -3.51 45.07
C ILE A 23 26.92 -4.17 43.71
N THR A 24 28.11 -4.06 43.13
CA THR A 24 28.36 -4.48 41.75
C THR A 24 27.90 -5.93 41.47
N ASN A 25 27.92 -6.80 42.49
CA ASN A 25 27.52 -8.18 42.27
C ASN A 25 26.01 -8.31 42.09
N ILE A 26 25.22 -7.46 42.74
CA ILE A 26 23.78 -7.51 42.61
C ILE A 26 23.33 -7.18 41.19
N VAL A 27 23.94 -6.15 40.58
CA VAL A 27 23.45 -5.62 39.31
C VAL A 27 23.42 -6.70 38.23
N GLU A 28 24.56 -7.31 37.93
CA GLU A 28 24.61 -8.23 36.81
C GLU A 28 24.10 -9.63 37.15
N SER A 29 23.35 -9.76 38.24
CA SER A 29 22.72 -11.03 38.55
C SER A 29 21.55 -11.26 37.59
N SER A 30 21.20 -12.53 37.41
CA SER A 30 20.04 -12.85 36.59
C SER A 30 18.77 -12.35 37.25
N PHE A 31 18.72 -12.43 38.58
CA PHE A 31 17.63 -11.82 39.34
C PHE A 31 17.44 -10.36 38.98
N PHE A 32 18.49 -9.55 39.16
CA PHE A 32 18.40 -8.11 38.92
C PHE A 32 17.95 -7.80 37.50
N THR A 33 18.64 -8.39 36.51
CA THR A 33 18.21 -8.23 35.12
C THR A 33 16.71 -8.47 34.99
N LYS A 34 16.24 -9.62 35.48
CA LYS A 34 14.82 -9.88 35.54
C LYS A 34 14.09 -8.87 36.42
N PHE A 35 14.74 -8.40 37.48
CA PHE A 35 14.06 -7.55 38.47
C PHE A 35 13.58 -6.23 37.87
N ILE A 36 14.42 -5.56 37.06
CA ILE A 36 13.99 -4.33 36.41
C ILE A 36 12.67 -4.54 35.69
N ILE A 37 12.59 -5.64 34.94
CA ILE A 37 11.41 -5.97 34.13
C ILE A 37 10.15 -6.04 34.99
N TYR A 38 10.30 -6.31 36.29
CA TYR A 38 9.14 -6.33 37.18
C TYR A 38 8.51 -4.95 37.30
N LEU A 39 9.33 -3.94 37.64
CA LEU A 39 8.80 -2.59 37.84
C LEU A 39 8.28 -2.00 36.53
N ILE A 40 8.97 -2.23 35.42
CA ILE A 40 8.48 -1.80 34.11
C ILE A 40 7.04 -2.25 33.89
N VAL A 41 6.84 -3.57 33.84
CA VAL A 41 5.51 -4.13 33.59
C VAL A 41 4.51 -3.62 34.61
N LEU A 42 4.93 -3.48 35.87
CA LEU A 42 4.01 -2.96 36.86
C LEU A 42 3.73 -1.48 36.62
N ASN A 43 4.78 -0.67 36.47
CA ASN A 43 4.56 0.74 36.20
C ASN A 43 3.90 0.96 34.84
N GLY A 44 4.17 0.09 33.88
CA GLY A 44 3.43 0.14 32.63
C GLY A 44 1.95 -0.04 32.88
N ILE A 45 1.61 -1.18 33.49
CA ILE A 45 0.21 -1.50 33.78
C ILE A 45 -0.41 -0.45 34.70
N THR A 46 0.37 0.10 35.63
CA THR A 46 -0.18 1.14 36.51
C THR A 46 -0.52 2.40 35.72
N MET A 47 0.31 2.76 34.72
CA MET A 47 -0.01 3.90 33.88
C MET A 47 -1.21 3.61 32.97
N GLY A 48 -1.49 2.34 32.70
CA GLY A 48 -2.69 2.02 31.94
C GLY A 48 -3.97 2.20 32.71
N LEU A 49 -3.88 2.53 34.00
CA LEU A 49 -5.02 2.98 34.77
C LEU A 49 -4.94 4.44 35.19
N GLU A 50 -3.73 5.02 35.25
CA GLU A 50 -3.64 6.47 35.32
C GLU A 50 -4.21 7.11 34.06
N THR A 51 -4.35 6.34 32.98
CA THR A 51 -5.03 6.79 31.79
C THR A 51 -6.55 6.74 31.97
N SER A 52 -7.05 5.61 32.44
CA SER A 52 -8.48 5.45 32.64
C SER A 52 -8.94 6.39 33.74
N LYS A 53 -9.79 7.36 33.38
CA LYS A 53 -10.29 8.29 34.38
C LYS A 53 -11.06 7.55 35.46
N THR A 54 -11.80 6.50 35.06
CA THR A 54 -12.67 5.77 35.98
C THR A 54 -11.89 5.26 37.18
N PHE A 55 -10.78 4.55 36.94
CA PHE A 55 -9.98 4.04 38.03
C PHE A 55 -9.40 5.17 38.87
N MET A 56 -8.68 6.10 38.21
CA MET A 56 -7.98 7.19 38.89
C MET A 56 -8.89 8.05 39.76
N GLN A 57 -10.20 7.81 39.74
CA GLN A 57 -11.09 8.47 40.69
C GLN A 57 -11.00 7.80 42.06
N SER A 58 -11.20 6.49 42.09
CA SER A 58 -11.17 5.73 43.34
C SER A 58 -9.74 5.44 43.80
N PHE A 59 -8.79 5.25 42.87
CA PHE A 59 -7.45 4.79 43.20
C PHE A 59 -6.35 5.76 42.79
N GLY A 60 -6.69 6.99 42.40
CA GLY A 60 -5.67 7.90 41.91
C GLY A 60 -4.56 8.17 42.91
N VAL A 61 -4.94 8.50 44.14
CA VAL A 61 -3.95 8.71 45.20
C VAL A 61 -3.17 7.41 45.44
N TYR A 62 -3.89 6.29 45.50
CA TYR A 62 -3.25 4.98 45.56
C TYR A 62 -2.28 4.80 44.39
N THR A 63 -2.61 5.36 43.24
CA THR A 63 -1.80 5.18 42.03
C THR A 63 -0.62 6.15 42.00
N THR A 64 -0.89 7.45 42.22
CA THR A 64 0.13 8.47 42.09
C THR A 64 1.39 8.19 42.89
N LEU A 65 1.27 7.53 44.04
CA LEU A 65 2.43 7.24 44.87
C LEU A 65 3.31 6.14 44.27
N PHE A 66 2.69 5.07 43.77
CA PHE A 66 3.46 3.96 43.21
C PHE A 66 4.47 4.41 42.17
N ASN A 67 4.10 5.41 41.36
CA ASN A 67 4.99 5.91 40.33
C ASN A 67 6.25 6.55 40.91
N GLN A 68 6.10 7.36 41.96
CA GLN A 68 7.26 8.06 42.51
C GLN A 68 8.29 7.07 43.08
N ILE A 69 7.82 6.03 43.76
CA ILE A 69 8.72 4.96 44.18
C ILE A 69 9.51 4.42 42.99
N VAL A 70 8.78 4.07 41.92
CA VAL A 70 9.43 3.52 40.72
C VAL A 70 10.43 4.53 40.16
N ILE A 71 9.97 5.75 39.89
CA ILE A 71 10.84 6.75 39.30
C ILE A 71 12.01 7.09 40.22
N THR A 72 11.83 6.91 41.53
CA THR A 72 12.97 6.98 42.45
C THR A 72 13.87 5.76 42.28
N ILE A 73 13.31 4.57 42.47
CA ILE A 73 14.07 3.31 42.39
C ILE A 73 14.76 3.18 41.04
N PHE A 74 14.08 3.58 39.96
CA PHE A 74 14.67 3.44 38.63
C PHE A 74 15.91 4.30 38.46
N THR A 75 16.03 5.37 39.24
CA THR A 75 17.26 6.17 39.24
C THR A 75 18.45 5.34 39.71
N ILE A 76 18.26 4.51 40.73
CA ILE A 76 19.38 3.79 41.35
C ILE A 76 20.06 2.88 40.34
N GLU A 77 19.29 2.02 39.66
CA GLU A 77 19.89 1.07 38.74
C GLU A 77 20.85 1.78 37.77
N ILE A 78 20.40 2.88 37.20
CA ILE A 78 21.25 3.61 36.26
C ILE A 78 22.41 4.28 37.01
N ILE A 79 22.23 4.60 38.29
CA ILE A 79 23.33 5.16 39.08
C ILE A 79 24.43 4.13 39.29
N LEU A 80 24.06 2.96 39.81
CA LEU A 80 25.01 1.89 40.08
C LEU A 80 25.78 1.49 38.83
N ARG A 81 25.05 1.09 37.78
CA ARG A 81 25.69 0.61 36.55
C ARG A 81 26.77 1.56 36.04
N ILE A 82 26.61 2.87 36.28
CA ILE A 82 27.59 3.82 35.76
C ILE A 82 28.92 3.68 36.49
N TYR A 83 28.88 3.72 37.82
CA TYR A 83 30.12 3.53 38.57
C TYR A 83 30.71 2.16 38.27
N VAL A 84 29.86 1.18 38.01
CA VAL A 84 30.30 -0.15 37.60
C VAL A 84 30.90 -0.11 36.20
N HIS A 85 30.35 0.72 35.31
CA HIS A 85 30.78 0.74 33.92
C HIS A 85 31.67 1.92 33.57
N ARG A 86 31.53 3.06 34.26
CA ARG A 86 32.35 4.27 34.05
C ARG A 86 32.27 4.65 32.58
N ILE A 87 33.38 4.94 31.91
CA ILE A 87 33.34 5.41 30.53
C ILE A 87 32.79 4.35 29.57
N SER A 88 32.88 3.07 29.94
CA SER A 88 32.28 2.02 29.12
C SER A 88 30.76 2.19 29.04
N PHE A 89 30.17 2.86 30.04
CA PHE A 89 28.72 3.03 30.07
C PHE A 89 28.23 3.92 28.93
N PHE A 90 28.80 5.12 28.78
CA PHE A 90 28.35 6.09 27.78
C PHE A 90 28.92 5.83 26.39
N LYS A 91 29.01 4.56 26.01
CA LYS A 91 29.24 4.14 24.63
C LYS A 91 28.34 3.00 24.24
N ASP A 92 27.56 2.47 25.18
CA ASP A 92 26.57 1.43 24.91
C ASP A 92 25.24 2.15 24.69
N PRO A 93 24.70 2.19 23.45
CA PRO A 93 23.49 2.98 23.20
C PRO A 93 22.38 2.71 24.20
N TRP A 94 22.00 1.43 24.35
CA TRP A 94 20.93 1.06 25.28
C TRP A 94 21.19 1.66 26.64
N SER A 95 22.44 1.56 27.11
CA SER A 95 22.80 2.15 28.40
C SER A 95 22.58 3.65 28.39
N LEU A 96 23.05 4.33 27.33
CA LEU A 96 22.84 5.76 27.20
C LEU A 96 21.36 6.13 27.26
N PHE A 97 20.58 5.58 26.33
CA PHE A 97 19.14 5.85 26.22
C PHE A 97 18.42 5.80 27.56
N ASP A 98 18.63 4.71 28.31
CA ASP A 98 18.03 4.49 29.62
C ASP A 98 18.03 5.73 30.50
N PHE A 99 19.12 6.50 30.49
CA PHE A 99 19.20 7.68 31.34
C PHE A 99 18.15 8.73 30.96
N PHE A 100 18.21 9.21 29.71
CA PHE A 100 17.37 10.33 29.29
C PHE A 100 15.91 10.06 29.63
N VAL A 101 15.45 8.85 29.38
CA VAL A 101 14.05 8.49 29.62
C VAL A 101 13.73 8.65 31.10
N VAL A 102 14.74 8.51 31.96
CA VAL A 102 14.55 8.78 33.40
C VAL A 102 14.67 10.28 33.68
N ALA A 103 15.68 10.93 33.09
CA ALA A 103 15.86 12.37 33.27
C ALA A 103 14.59 13.14 32.89
N ILE A 104 13.99 12.77 31.76
CA ILE A 104 12.69 13.32 31.37
C ILE A 104 11.68 13.14 32.50
N SER A 105 11.59 11.92 33.04
CA SER A 105 10.65 11.63 34.12
C SER A 105 10.93 12.47 35.36
N LEU A 106 12.17 12.91 35.55
CA LEU A 106 12.51 13.67 36.74
C LEU A 106 11.92 15.07 36.72
N VAL A 107 12.00 15.76 35.59
CA VAL A 107 11.57 17.15 35.48
C VAL A 107 10.08 17.26 35.80
N PRO A 108 9.68 18.09 36.78
CA PRO A 108 8.28 18.29 37.17
C PRO A 108 7.41 18.81 36.02
N GLU A 114 2.06 20.23 30.64
CA GLU A 114 1.83 18.86 31.08
C GLU A 114 2.42 17.86 30.09
N ILE A 115 2.97 18.39 28.99
CA ILE A 115 3.61 17.56 27.96
C ILE A 115 4.65 16.66 28.59
N LEU A 116 5.48 17.21 29.48
CA LEU A 116 6.46 16.42 30.21
C LEU A 116 5.79 15.35 31.05
N ARG A 117 4.84 15.76 31.89
CA ARG A 117 4.03 14.81 32.65
C ARG A 117 3.48 13.70 31.78
N VAL A 118 3.24 13.98 30.50
CA VAL A 118 2.87 12.94 29.54
C VAL A 118 4.09 12.20 29.03
N LEU A 119 5.20 12.92 28.75
CA LEU A 119 6.41 12.28 28.26
C LEU A 119 7.07 11.37 29.28
N ARG A 120 6.63 11.41 30.54
CA ARG A 120 7.15 10.49 31.54
C ARG A 120 6.83 9.04 31.20
N VAL A 121 5.74 8.80 30.47
CA VAL A 121 5.32 7.45 30.13
C VAL A 121 6.30 6.75 29.20
N LEU A 122 7.27 7.48 28.64
CA LEU A 122 8.30 6.86 27.82
C LEU A 122 9.15 5.88 28.63
N ARG A 123 9.16 6.02 29.97
CA ARG A 123 9.96 5.18 30.84
C ARG A 123 9.61 3.70 30.74
N LEU A 124 8.54 3.34 30.05
CA LEU A 124 8.20 1.95 29.79
C LEU A 124 8.99 1.36 28.63
N PHE A 125 9.94 2.12 28.09
CA PHE A 125 10.83 1.62 27.04
C PHE A 125 12.01 0.85 27.60
N ARG A 126 12.38 1.08 28.86
CA ARG A 126 13.57 0.45 29.42
C ARG A 126 13.50 -1.08 29.37
N LEU A 127 12.29 -1.65 29.29
CA LEU A 127 12.15 -3.09 29.11
C LEU A 127 12.91 -3.59 27.88
N VAL A 128 13.19 -2.70 26.92
CA VAL A 128 14.00 -3.05 25.76
C VAL A 128 15.43 -3.36 26.19
N THR A 129 15.96 -2.59 27.14
CA THR A 129 17.34 -2.79 27.58
C THR A 129 17.54 -4.19 28.16
N ALA A 130 16.76 -4.54 29.18
CA ALA A 130 17.00 -5.79 29.89
C ALA A 130 16.82 -7.04 29.02
N VAL A 131 15.98 -6.97 28.00
CA VAL A 131 15.64 -8.14 27.17
C VAL A 131 16.60 -8.20 25.99
N PRO A 132 17.51 -9.18 25.94
CA PRO A 132 18.40 -9.32 24.77
C PRO A 132 17.73 -9.84 23.50
N GLN A 133 16.51 -10.39 23.58
CA GLN A 133 15.88 -10.92 22.36
C GLN A 133 15.37 -9.80 21.46
N MET A 134 15.04 -8.64 22.02
CA MET A 134 14.51 -7.56 21.19
C MET A 134 15.63 -6.80 20.49
N ARG A 135 16.66 -6.40 21.25
CA ARG A 135 17.78 -5.61 20.75
C ARG A 135 18.31 -6.11 19.41
N LYS A 136 18.40 -7.44 19.27
CA LYS A 136 18.86 -8.01 18.01
C LYS A 136 17.99 -7.55 16.86
N ILE A 137 16.66 -7.60 17.03
CA ILE A 137 15.75 -7.14 15.98
C ILE A 137 15.99 -5.66 15.71
N VAL A 138 16.05 -4.86 16.78
CA VAL A 138 16.34 -3.44 16.67
C VAL A 138 17.66 -3.22 15.94
N SER A 139 18.73 -3.83 16.43
CA SER A 139 20.05 -3.65 15.82
C SER A 139 20.06 -4.17 14.39
N ALA A 140 19.54 -5.39 14.18
CA ALA A 140 19.51 -5.96 12.84
C ALA A 140 18.62 -5.17 11.89
N LEU A 141 17.74 -4.31 12.41
CA LEU A 141 16.92 -3.46 11.56
C LEU A 141 17.43 -2.04 11.42
N ILE A 142 17.98 -1.54 12.50
CA ILE A 142 18.60 -0.25 12.51
C ILE A 142 19.80 -0.24 11.59
N SER A 143 20.40 -1.41 11.34
CA SER A 143 21.54 -1.63 10.46
C SER A 143 21.24 -1.33 9.00
N VAL A 144 19.95 -1.36 8.67
CA VAL A 144 19.51 -1.10 7.30
C VAL A 144 19.07 0.35 7.13
N ILE A 145 19.60 1.23 7.99
CA ILE A 145 19.26 2.64 7.93
C ILE A 145 20.41 3.47 7.38
N PRO A 146 21.62 2.94 7.48
CA PRO A 146 22.82 3.63 7.00
C PRO A 146 22.99 3.46 5.48
N GLY A 147 22.87 2.24 5.00
CA GLY A 147 23.01 1.97 3.57
C GLY A 147 21.96 2.64 2.71
N MET A 148 21.10 3.45 3.30
CA MET A 148 20.02 4.15 2.60
C MET A 148 20.04 5.66 2.80
N LEU A 149 20.78 6.20 3.77
CA LEU A 149 20.83 7.64 3.98
C LEU A 149 21.19 8.39 2.71
N SER A 150 21.93 7.75 1.81
CA SER A 150 22.14 8.33 0.49
C SER A 150 20.81 8.54 -0.24
N VAL A 151 19.83 7.67 0.01
CA VAL A 151 18.52 7.79 -0.62
C VAL A 151 17.64 8.79 0.14
N ILE A 152 17.53 8.63 1.47
CA ILE A 152 16.61 9.47 2.25
C ILE A 152 16.94 10.95 2.09
N ALA A 153 18.23 11.30 2.21
CA ALA A 153 18.62 12.70 2.07
C ALA A 153 18.22 13.24 0.70
N LEU A 154 18.30 12.40 -0.33
CA LEU A 154 17.77 12.80 -1.64
C LEU A 154 16.29 13.13 -1.54
N MET A 155 15.52 12.30 -0.83
CA MET A 155 14.09 12.54 -0.70
C MET A 155 13.80 13.88 -0.05
N THR A 156 14.51 14.19 1.04
CA THR A 156 14.29 15.45 1.74
C THR A 156 14.57 16.63 0.82
N LEU A 157 15.68 16.59 0.09
CA LEU A 157 15.96 17.61 -0.92
C LEU A 157 14.85 17.64 -1.97
N PHE A 158 14.50 16.47 -2.51
CA PHE A 158 13.44 16.39 -3.51
C PHE A 158 12.14 17.02 -2.99
N PHE A 159 11.74 16.65 -1.78
CA PHE A 159 10.59 17.31 -1.14
C PHE A 159 10.82 18.81 -1.05
N TYR A 160 12.06 19.20 -0.73
CA TYR A 160 12.36 20.60 -0.47
C TYR A 160 12.18 21.44 -1.73
N ILE A 161 12.69 20.95 -2.86
CA ILE A 161 12.48 21.66 -4.12
C ILE A 161 11.00 21.73 -4.44
N PHE A 162 10.28 20.62 -4.28
CA PHE A 162 8.88 20.56 -4.63
C PHE A 162 8.02 21.35 -3.65
N ALA A 163 8.25 21.19 -2.35
CA ALA A 163 7.50 21.96 -1.36
C ALA A 163 7.57 23.45 -1.66
N ILE A 164 8.72 23.91 -2.16
CA ILE A 164 8.86 25.32 -2.54
C ILE A 164 8.01 25.64 -3.76
N MET A 165 7.96 24.74 -4.75
CA MET A 165 7.22 25.03 -5.97
C MET A 165 5.74 25.25 -5.66
N ALA A 166 5.10 24.27 -5.00
CA ALA A 166 3.70 24.41 -4.63
C ALA A 166 3.45 25.68 -3.82
N THR A 167 4.23 25.88 -2.73
CA THR A 167 3.95 26.96 -1.78
C THR A 167 3.86 28.33 -2.44
N GLN A 168 4.58 28.53 -3.55
CA GLN A 168 4.47 29.76 -4.32
C GLN A 168 3.65 29.58 -5.59
N LEU A 169 3.09 28.38 -5.79
CA LEU A 169 2.16 28.12 -6.88
C LEU A 169 0.73 28.19 -6.35
N PHE A 170 0.37 27.27 -5.45
CA PHE A 170 -0.99 27.16 -4.94
C PHE A 170 -1.17 27.87 -3.61
N GLY A 171 -0.10 28.39 -3.00
CA GLY A 171 -0.21 29.03 -1.70
C GLY A 171 -1.14 30.22 -1.69
N GLU A 172 -1.36 30.84 -2.86
CA GLU A 172 -2.16 32.06 -2.90
C GLU A 172 -3.63 31.75 -2.67
N ARG A 173 -4.15 30.66 -3.25
CA ARG A 173 -5.56 30.33 -3.14
C ARG A 173 -5.85 29.14 -2.23
N PHE A 174 -4.86 28.35 -1.85
CA PHE A 174 -5.05 27.16 -1.00
C PHE A 174 -4.07 27.22 0.16
N PRO A 175 -4.30 28.12 1.14
CA PRO A 175 -3.28 28.33 2.18
C PRO A 175 -3.29 27.31 3.32
N GLU A 176 -4.46 26.78 3.66
CA GLU A 176 -4.50 25.75 4.71
C GLU A 176 -3.68 24.54 4.29
N TRP A 177 -3.56 24.30 2.99
CA TRP A 177 -2.81 23.19 2.42
C TRP A 177 -1.39 23.58 2.02
N PHE A 178 -1.22 24.77 1.41
CA PHE A 178 0.08 25.16 0.87
C PHE A 178 0.45 26.62 1.19
N GLY A 179 -0.16 27.23 2.21
CA GLY A 179 0.16 28.62 2.49
C GLY A 179 1.56 28.82 3.01
N THR A 180 2.09 27.82 3.72
CA THR A 180 3.43 27.87 4.28
C THR A 180 4.24 26.70 3.76
N LEU A 181 5.56 26.90 3.64
CA LEU A 181 6.45 25.79 3.36
C LEU A 181 6.17 24.62 4.28
N GLY A 182 6.08 24.89 5.59
CA GLY A 182 5.72 23.84 6.53
C GLY A 182 4.37 23.21 6.24
N GLU A 183 3.42 24.00 5.76
CA GLU A 183 2.12 23.43 5.38
C GLU A 183 2.22 22.65 4.08
N SER A 184 3.10 23.07 3.17
CA SER A 184 3.38 22.26 1.98
C SER A 184 4.00 20.92 2.36
N PHE A 185 4.82 20.89 3.41
CA PHE A 185 5.41 19.64 3.86
C PHE A 185 4.33 18.64 4.23
N TYR A 186 3.48 19.01 5.19
CA TYR A 186 2.44 18.12 5.67
C TYR A 186 1.55 17.65 4.52
N THR A 187 1.16 18.57 3.64
CA THR A 187 0.29 18.21 2.52
C THR A 187 0.99 17.26 1.56
N LEU A 188 2.29 17.48 1.33
CA LEU A 188 3.03 16.63 0.41
C LEU A 188 3.31 15.27 1.01
N PHE A 189 3.73 15.25 2.29
CA PHE A 189 3.93 13.99 2.98
C PHE A 189 2.64 13.18 3.05
N GLN A 190 1.49 13.86 3.16
CA GLN A 190 0.20 13.19 3.14
C GLN A 190 -0.07 12.57 1.77
N VAL A 191 0.09 13.35 0.70
CA VAL A 191 -0.09 12.85 -0.66
C VAL A 191 0.84 11.66 -0.92
N MET A 192 2.02 11.66 -0.29
CA MET A 192 2.95 10.54 -0.41
C MET A 192 2.31 9.25 0.05
N THR A 193 1.66 9.27 1.22
CA THR A 193 0.91 8.13 1.70
C THR A 193 -0.30 7.82 0.83
N LEU A 194 -0.67 8.72 -0.08
CA LEU A 194 -1.82 8.57 -0.99
C LEU A 194 -3.16 8.69 -0.27
N GLU A 195 -3.16 9.25 0.94
CA GLU A 195 -4.40 9.44 1.68
C GLU A 195 -5.12 10.70 1.21
N SER A 196 -6.29 10.52 0.61
CA SER A 196 -7.13 11.62 0.14
C SER A 196 -6.33 12.63 -0.70
N TRP A 197 -5.33 12.11 -1.42
CA TRP A 197 -4.48 12.98 -2.25
C TRP A 197 -5.26 13.56 -3.42
N SER A 198 -6.15 12.76 -4.03
CA SER A 198 -6.82 13.18 -5.27
C SER A 198 -8.08 13.97 -4.95
N MET A 199 -9.08 13.32 -4.36
CA MET A 199 -10.33 14.00 -4.06
C MET A 199 -10.13 15.09 -3.03
N GLY A 200 -9.28 14.85 -2.03
CA GLY A 200 -9.10 15.80 -0.95
C GLY A 200 -8.16 16.93 -1.26
N ILE A 201 -7.16 16.69 -2.13
CA ILE A 201 -6.12 17.69 -2.34
C ILE A 201 -6.03 18.07 -3.82
N VAL A 202 -5.80 17.08 -4.69
CA VAL A 202 -5.43 17.37 -6.09
C VAL A 202 -6.64 17.79 -6.91
N ARG A 203 -7.78 17.11 -6.74
CA ARG A 203 -8.97 17.45 -7.53
C ARG A 203 -9.42 18.90 -7.33
N PRO A 204 -9.62 19.40 -6.11
CA PRO A 204 -10.00 20.81 -5.97
C PRO A 204 -8.97 21.76 -6.57
N LEU A 205 -7.70 21.40 -6.47
CA LEU A 205 -6.64 22.18 -7.11
C LEU A 205 -6.92 22.38 -8.60
N MET A 206 -7.40 21.34 -9.27
CA MET A 206 -7.67 21.43 -10.71
C MET A 206 -8.87 22.30 -11.05
N GLU A 207 -9.57 22.89 -10.08
CA GLU A 207 -10.67 23.80 -10.42
C GLU A 207 -10.19 25.22 -10.68
N VAL A 208 -9.05 25.62 -10.11
CA VAL A 208 -8.45 26.92 -10.35
C VAL A 208 -7.17 26.79 -11.16
N TYR A 209 -6.30 25.86 -10.78
CA TYR A 209 -5.08 25.55 -11.52
C TYR A 209 -5.28 24.18 -12.14
N PRO A 210 -5.85 24.11 -13.35
CA PRO A 210 -6.16 22.80 -13.94
C PRO A 210 -4.93 21.98 -14.27
N TYR A 211 -3.73 22.55 -14.12
CA TYR A 211 -2.49 21.89 -14.47
C TYR A 211 -1.79 21.25 -13.27
N ALA A 212 -2.39 21.33 -12.07
CA ALA A 212 -1.80 20.72 -10.89
C ALA A 212 -1.49 19.24 -11.08
N TRP A 213 -2.11 18.59 -12.06
CA TRP A 213 -1.75 17.21 -12.39
C TRP A 213 -0.37 17.13 -13.05
N VAL A 214 0.24 18.25 -13.43
CA VAL A 214 1.61 18.21 -13.91
C VAL A 214 2.57 18.31 -12.73
N PHE A 215 2.17 19.03 -11.67
CA PHE A 215 2.94 19.03 -10.43
C PHE A 215 2.85 17.69 -9.74
N PHE A 216 1.63 17.14 -9.59
CA PHE A 216 1.37 16.07 -8.64
C PHE A 216 1.50 14.67 -9.24
N ILE A 217 1.06 14.45 -10.48
CA ILE A 217 1.16 13.11 -11.07
C ILE A 217 2.62 12.63 -11.19
N PRO A 218 3.57 13.44 -11.67
CA PRO A 218 4.96 12.95 -11.67
C PRO A 218 5.50 12.80 -10.26
N PHE A 219 5.27 13.80 -9.40
CA PHE A 219 5.64 13.69 -7.99
C PHE A 219 5.19 12.37 -7.39
N ILE A 220 4.00 11.91 -7.79
CA ILE A 220 3.51 10.62 -7.30
C ILE A 220 4.39 9.49 -7.80
N PHE A 221 4.96 9.63 -9.00
CA PHE A 221 5.82 8.60 -9.56
C PHE A 221 7.14 8.51 -8.82
N VAL A 222 7.90 9.61 -8.79
CA VAL A 222 9.23 9.62 -8.20
C VAL A 222 9.20 9.10 -6.77
N VAL A 223 8.38 9.74 -5.92
CA VAL A 223 8.28 9.33 -4.52
C VAL A 223 7.95 7.84 -4.41
N THR A 224 7.06 7.34 -5.28
CA THR A 224 6.70 5.92 -5.21
C THR A 224 7.88 5.06 -5.64
N PHE A 225 8.52 5.42 -6.76
CA PHE A 225 9.69 4.68 -7.23
C PHE A 225 10.77 4.64 -6.17
N VAL A 226 11.00 5.77 -5.47
CA VAL A 226 11.99 5.82 -4.40
C VAL A 226 11.69 4.75 -3.36
N MET A 227 10.44 4.69 -2.89
CA MET A 227 10.09 3.77 -1.81
C MET A 227 10.36 2.34 -2.22
N ILE A 228 10.07 1.98 -3.47
CA ILE A 228 10.40 0.66 -4.00
C ILE A 228 11.91 0.41 -3.88
N ASN A 229 12.71 1.32 -4.45
CA ASN A 229 14.16 1.17 -4.48
C ASN A 229 14.76 1.04 -3.08
N LEU A 230 14.10 1.63 -2.14
CA LEU A 230 14.50 1.46 -0.79
C LEU A 230 14.34 0.03 -0.48
N VAL A 231 13.26 -0.58 -0.93
CA VAL A 231 13.00 -1.95 -0.64
C VAL A 231 14.07 -2.80 -1.23
N VAL A 232 14.48 -2.53 -2.46
CA VAL A 232 15.51 -3.29 -3.15
C VAL A 232 16.76 -3.21 -2.36
N ALA A 233 17.11 -2.04 -1.90
CA ALA A 233 18.24 -1.87 -1.08
C ALA A 233 18.05 -2.66 0.17
N ILE A 234 16.89 -2.64 0.78
CA ILE A 234 16.68 -3.46 1.95
C ILE A 234 16.65 -4.94 1.63
N CYS A 235 16.21 -5.32 0.45
CA CYS A 235 16.14 -6.73 0.11
C CYS A 235 17.53 -7.27 0.10
N VAL A 236 18.41 -6.55 -0.55
CA VAL A 236 19.77 -6.95 -0.62
C VAL A 236 20.53 -6.89 0.68
N ASP A 237 20.47 -5.77 1.37
CA ASP A 237 21.26 -5.56 2.59
C ASP A 237 21.17 -6.72 3.57
N ALA A 238 20.14 -6.74 4.41
CA ALA A 238 19.89 -7.90 5.27
C ALA A 238 19.09 -8.94 4.50
N TYR B 20 -14.12 -50.79 17.56
CA TYR B 20 -12.74 -50.47 17.23
C TYR B 20 -12.43 -50.84 15.78
N LEU B 21 -11.71 -51.95 15.59
CA LEU B 21 -11.15 -52.27 14.28
C LEU B 21 -12.23 -52.42 13.22
N ARG B 22 -13.46 -52.78 13.62
CA ARG B 22 -14.55 -52.87 12.66
C ARG B 22 -14.84 -51.52 12.02
N ILE B 23 -14.96 -50.48 12.85
CA ILE B 23 -15.19 -49.13 12.34
C ILE B 23 -13.94 -48.59 11.62
N THR B 24 -12.75 -48.98 12.09
CA THR B 24 -11.49 -48.40 11.62
C THR B 24 -11.37 -48.38 10.11
N ASN B 25 -12.01 -49.32 9.41
CA ASN B 25 -11.93 -49.34 7.96
C ASN B 25 -12.77 -48.23 7.33
N ILE B 26 -13.90 -47.87 7.96
CA ILE B 26 -14.73 -46.79 7.44
C ILE B 26 -13.99 -45.45 7.54
N VAL B 27 -13.34 -45.19 8.66
CA VAL B 27 -12.74 -43.88 8.93
C VAL B 27 -11.70 -43.54 7.87
N GLU B 28 -10.65 -44.37 7.75
CA GLU B 28 -9.51 -44.05 6.90
C GLU B 28 -9.72 -44.38 5.43
N SER B 29 -10.96 -44.58 4.98
CA SER B 29 -11.18 -44.77 3.56
C SER B 29 -11.07 -43.45 2.81
N SER B 30 -10.65 -43.53 1.55
CA SER B 30 -10.67 -42.34 0.70
C SER B 30 -12.10 -41.96 0.35
N PHE B 31 -12.96 -42.97 0.21
CA PHE B 31 -14.39 -42.75 0.01
C PHE B 31 -14.96 -41.79 1.05
N PHE B 32 -14.77 -42.11 2.33
CA PHE B 32 -15.31 -41.28 3.40
C PHE B 32 -14.81 -39.84 3.27
N THR B 33 -13.49 -39.66 3.16
CA THR B 33 -12.90 -38.35 2.91
C THR B 33 -13.63 -37.65 1.76
N LYS B 34 -13.76 -38.33 0.62
CA LYS B 34 -14.52 -37.77 -0.50
C LYS B 34 -15.96 -37.45 -0.09
N PHE B 35 -16.56 -38.30 0.75
CA PHE B 35 -17.95 -38.09 1.14
C PHE B 35 -18.12 -36.83 2.00
N ILE B 36 -17.25 -36.65 3.00
CA ILE B 36 -17.32 -35.47 3.86
C ILE B 36 -17.28 -34.19 3.02
N ILE B 37 -16.29 -34.11 2.12
CA ILE B 37 -16.09 -32.91 1.30
C ILE B 37 -17.33 -32.61 0.46
N TYR B 38 -18.13 -33.64 0.15
CA TYR B 38 -19.36 -33.41 -0.60
C TYR B 38 -20.34 -32.59 0.21
N LEU B 39 -20.59 -32.98 1.46
CA LEU B 39 -21.53 -32.25 2.30
C LEU B 39 -21.04 -30.84 2.59
N ILE B 40 -19.73 -30.67 2.82
CA ILE B 40 -19.15 -29.33 2.98
C ILE B 40 -19.56 -28.44 1.82
N VAL B 41 -19.13 -28.81 0.60
CA VAL B 41 -19.46 -28.03 -0.59
C VAL B 41 -20.97 -27.89 -0.72
N LEU B 42 -21.71 -28.94 -0.34
CA LEU B 42 -23.17 -28.86 -0.39
C LEU B 42 -23.70 -27.93 0.67
N ASN B 43 -23.28 -28.13 1.93
CA ASN B 43 -23.72 -27.26 3.01
C ASN B 43 -23.19 -25.84 2.83
N GLY B 44 -22.02 -25.69 2.23
CA GLY B 44 -21.50 -24.37 1.91
C GLY B 44 -22.43 -23.58 0.99
N ILE B 45 -22.69 -24.10 -0.21
CA ILE B 45 -23.61 -23.44 -1.13
C ILE B 45 -24.99 -23.33 -0.49
N THR B 46 -25.38 -24.34 0.30
CA THR B 46 -26.65 -24.28 1.02
C THR B 46 -26.62 -23.17 2.06
N MET B 47 -25.50 -23.00 2.76
CA MET B 47 -25.37 -21.91 3.73
C MET B 47 -25.30 -20.55 3.06
N GLY B 48 -24.87 -20.49 1.80
CA GLY B 48 -24.87 -19.24 1.08
C GLY B 48 -26.22 -18.74 0.62
N LEU B 49 -27.28 -19.52 0.84
CA LEU B 49 -28.64 -19.08 0.56
C LEU B 49 -29.49 -18.88 1.79
N GLU B 50 -29.10 -19.41 2.95
CA GLU B 50 -29.73 -19.05 4.21
C GLU B 50 -29.66 -17.55 4.47
N THR B 51 -28.84 -16.82 3.73
CA THR B 51 -28.81 -15.36 3.82
C THR B 51 -30.04 -14.74 3.16
N SER B 52 -30.39 -15.19 1.95
CA SER B 52 -31.53 -14.63 1.24
C SER B 52 -32.81 -14.90 2.01
N LYS B 53 -33.47 -13.82 2.44
CA LYS B 53 -34.69 -13.94 3.23
C LYS B 53 -35.79 -14.69 2.49
N THR B 54 -35.91 -14.47 1.18
CA THR B 54 -37.01 -15.05 0.40
C THR B 54 -37.03 -16.58 0.53
N PHE B 55 -35.87 -17.22 0.32
CA PHE B 55 -35.80 -18.67 0.36
C PHE B 55 -36.26 -19.23 1.70
N MET B 56 -35.66 -18.76 2.80
CA MET B 56 -35.97 -19.29 4.12
C MET B 56 -37.45 -19.22 4.49
N GLN B 57 -38.26 -18.53 3.69
CA GLN B 57 -39.70 -18.58 3.86
C GLN B 57 -40.28 -19.80 3.17
N SER B 58 -40.00 -19.94 1.87
CA SER B 58 -40.55 -21.04 1.08
C SER B 58 -39.79 -22.34 1.32
N PHE B 59 -38.48 -22.26 1.55
CA PHE B 59 -37.62 -23.44 1.66
C PHE B 59 -36.88 -23.51 2.99
N GLY B 60 -37.27 -22.71 3.98
CA GLY B 60 -36.55 -22.69 5.25
C GLY B 60 -36.47 -24.07 5.89
N VAL B 61 -37.60 -24.76 5.95
CA VAL B 61 -37.65 -26.09 6.54
C VAL B 61 -36.68 -27.04 5.83
N TYR B 62 -36.69 -27.02 4.49
CA TYR B 62 -35.72 -27.83 3.73
C TYR B 62 -34.29 -27.49 4.15
N THR B 63 -34.01 -26.20 4.36
CA THR B 63 -32.66 -25.76 4.67
C THR B 63 -32.37 -25.91 6.17
N THR B 64 -33.26 -25.37 7.01
CA THR B 64 -33.02 -25.39 8.46
C THR B 64 -32.75 -26.80 8.95
N LEU B 65 -33.42 -27.79 8.33
CA LEU B 65 -33.18 -29.19 8.66
C LEU B 65 -31.91 -29.72 8.02
N PHE B 66 -31.67 -29.40 6.74
CA PHE B 66 -30.49 -29.91 6.06
C PHE B 66 -29.22 -29.60 6.85
N ASN B 67 -29.17 -28.41 7.47
CA ASN B 67 -28.07 -28.09 8.36
C ASN B 67 -28.06 -29.04 9.55
N GLN B 68 -29.25 -29.28 10.13
CA GLN B 68 -29.36 -30.18 11.26
C GLN B 68 -28.95 -31.61 10.89
N ILE B 69 -29.36 -32.04 9.69
CA ILE B 69 -28.91 -33.34 9.16
C ILE B 69 -27.39 -33.43 9.15
N VAL B 70 -26.73 -32.45 8.52
CA VAL B 70 -25.27 -32.48 8.37
C VAL B 70 -24.58 -32.49 9.72
N ILE B 71 -24.92 -31.53 10.59
CA ILE B 71 -24.24 -31.42 11.88
C ILE B 71 -24.42 -32.69 12.70
N THR B 72 -25.45 -33.48 12.41
CA THR B 72 -25.57 -34.81 13.00
C THR B 72 -24.46 -35.71 12.47
N ILE B 73 -24.39 -35.85 11.13
CA ILE B 73 -23.39 -36.73 10.52
C ILE B 73 -21.99 -36.36 10.99
N PHE B 74 -21.67 -35.05 11.03
CA PHE B 74 -20.33 -34.63 11.42
C PHE B 74 -20.09 -34.92 12.89
N THR B 75 -21.15 -34.94 13.70
CA THR B 75 -21.01 -35.36 15.09
C THR B 75 -20.57 -36.83 15.15
N ILE B 76 -21.17 -37.67 14.31
CA ILE B 76 -20.84 -39.08 14.29
C ILE B 76 -19.39 -39.27 13.88
N GLU B 77 -19.03 -38.72 12.71
CA GLU B 77 -17.68 -38.84 12.18
C GLU B 77 -16.65 -38.42 13.23
N ILE B 78 -16.90 -37.28 13.89
CA ILE B 78 -15.95 -36.79 14.88
C ILE B 78 -15.88 -37.74 16.06
N ILE B 79 -16.96 -38.48 16.34
CA ILE B 79 -16.92 -39.52 17.37
C ILE B 79 -16.02 -40.66 16.92
N LEU B 80 -16.25 -41.18 15.70
CA LEU B 80 -15.42 -42.25 15.16
C LEU B 80 -13.95 -41.84 15.16
N ARG B 81 -13.66 -40.73 14.48
CA ARG B 81 -12.30 -40.22 14.34
C ARG B 81 -11.59 -40.14 15.68
N ILE B 82 -12.35 -39.87 16.75
CA ILE B 82 -11.76 -39.78 18.09
C ILE B 82 -11.40 -41.16 18.61
N TYR B 83 -12.38 -42.08 18.61
CA TYR B 83 -12.13 -43.43 19.12
C TYR B 83 -11.07 -44.16 18.31
N VAL B 84 -10.99 -43.91 17.01
CA VAL B 84 -9.98 -44.56 16.17
C VAL B 84 -8.59 -44.08 16.53
N HIS B 85 -8.44 -42.80 16.85
CA HIS B 85 -7.14 -42.22 17.15
C HIS B 85 -6.91 -42.00 18.64
N ARG B 86 -7.98 -41.81 19.41
CA ARG B 86 -7.90 -41.64 20.88
C ARG B 86 -6.97 -40.46 21.16
N ILE B 87 -5.99 -40.59 22.05
CA ILE B 87 -5.16 -39.46 22.44
C ILE B 87 -4.34 -38.92 21.28
N SER B 88 -4.13 -39.72 20.23
CA SER B 88 -3.43 -39.23 19.04
C SER B 88 -4.21 -38.12 18.35
N PHE B 89 -5.54 -38.10 18.50
CA PHE B 89 -6.35 -37.08 17.85
C PHE B 89 -6.03 -35.69 18.39
N PHE B 90 -5.99 -35.55 19.71
CA PHE B 90 -5.82 -34.25 20.36
C PHE B 90 -4.36 -33.79 20.36
N LYS B 91 -3.68 -34.03 19.24
CA LYS B 91 -2.39 -33.43 18.92
C LYS B 91 -2.29 -33.01 17.46
N ASP B 92 -3.28 -33.32 16.62
CA ASP B 92 -3.30 -32.93 15.22
C ASP B 92 -4.10 -31.64 15.06
N PRO B 93 -3.46 -30.50 14.71
CA PRO B 93 -4.18 -29.22 14.64
C PRO B 93 -5.45 -29.31 13.79
N TRP B 94 -5.29 -29.71 12.53
CA TRP B 94 -6.42 -29.81 11.60
C TRP B 94 -7.55 -30.62 12.21
N SER B 95 -7.22 -31.75 12.83
CA SER B 95 -8.23 -32.56 13.50
C SER B 95 -8.89 -31.81 14.63
N LEU B 96 -8.09 -31.12 15.46
CA LEU B 96 -8.61 -30.36 16.59
C LEU B 96 -9.68 -29.36 16.17
N PHE B 97 -9.30 -28.42 15.31
CA PHE B 97 -10.20 -27.35 14.86
C PHE B 97 -11.56 -27.89 14.46
N ASP B 98 -11.58 -28.86 13.54
CA ASP B 98 -12.80 -29.50 13.07
C ASP B 98 -13.76 -29.88 14.20
N PHE B 99 -13.21 -30.39 15.30
CA PHE B 99 -14.06 -30.77 16.42
C PHE B 99 -14.77 -29.56 16.98
N PHE B 100 -14.01 -28.55 17.41
CA PHE B 100 -14.58 -27.38 18.07
C PHE B 100 -15.65 -26.72 17.19
N VAL B 101 -15.37 -26.61 15.89
CA VAL B 101 -16.32 -25.94 14.98
C VAL B 101 -17.66 -26.65 14.98
N VAL B 102 -17.68 -27.94 15.31
CA VAL B 102 -18.96 -28.64 15.46
C VAL B 102 -19.58 -28.32 16.81
N ALA B 103 -18.77 -28.29 17.87
CA ALA B 103 -19.27 -27.89 19.17
C ALA B 103 -19.95 -26.53 19.11
N ILE B 104 -19.30 -25.56 18.44
CA ILE B 104 -19.93 -24.28 18.15
C ILE B 104 -21.25 -24.49 17.42
N SER B 105 -21.22 -25.26 16.33
CA SER B 105 -22.43 -25.54 15.56
C SER B 105 -23.48 -26.26 16.38
N LEU B 106 -23.07 -26.97 17.43
CA LEU B 106 -24.02 -27.75 18.22
C LEU B 106 -24.96 -26.85 19.02
N VAL B 107 -24.44 -25.78 19.61
CA VAL B 107 -25.21 -24.92 20.51
C VAL B 107 -26.42 -24.32 19.79
N PRO B 108 -27.64 -24.57 20.28
CA PRO B 108 -28.89 -24.01 19.73
C PRO B 108 -28.92 -22.49 19.75
N GLU B 114 -27.68 -15.30 19.58
CA GLU B 114 -27.85 -15.51 18.14
C GLU B 114 -26.54 -15.26 17.41
N ILE B 115 -25.49 -14.91 18.18
CA ILE B 115 -24.16 -14.75 17.60
C ILE B 115 -23.69 -16.07 16.98
N LEU B 116 -23.76 -17.15 17.77
CA LEU B 116 -23.28 -18.47 17.34
C LEU B 116 -23.95 -18.91 16.05
N ARG B 117 -25.25 -18.62 15.90
CA ARG B 117 -25.96 -18.94 14.67
C ARG B 117 -25.20 -18.44 13.44
N VAL B 118 -24.43 -17.36 13.59
CA VAL B 118 -23.52 -16.93 12.54
C VAL B 118 -22.22 -17.72 12.60
N LEU B 119 -21.69 -17.97 13.81
CA LEU B 119 -20.43 -18.70 13.93
C LEU B 119 -20.53 -20.14 13.47
N ARG B 120 -21.75 -20.64 13.22
CA ARG B 120 -21.90 -21.96 12.63
C ARG B 120 -21.30 -22.01 11.23
N VAL B 121 -21.24 -20.86 10.55
CA VAL B 121 -20.70 -20.80 9.20
C VAL B 121 -19.22 -21.11 9.16
N LEU B 122 -18.55 -21.15 10.31
CA LEU B 122 -17.15 -21.57 10.34
C LEU B 122 -16.99 -23.00 9.88
N ARG B 123 -18.03 -23.82 10.00
CA ARG B 123 -17.95 -25.22 9.58
C ARG B 123 -17.69 -25.35 8.08
N LEU B 124 -17.76 -24.26 7.33
CA LEU B 124 -17.36 -24.27 5.93
C LEU B 124 -15.85 -24.11 5.78
N PHE B 125 -15.11 -24.03 6.89
CA PHE B 125 -13.65 -24.03 6.84
C PHE B 125 -13.06 -25.43 6.80
N ARG B 126 -13.81 -26.45 7.23
CA ARG B 126 -13.30 -27.81 7.23
C ARG B 126 -12.81 -28.23 5.86
N LEU B 127 -13.33 -27.60 4.80
CA LEU B 127 -12.82 -27.88 3.46
C LEU B 127 -11.32 -27.64 3.39
N VAL B 128 -10.79 -26.75 4.24
CA VAL B 128 -9.34 -26.61 4.36
C VAL B 128 -8.76 -27.84 5.04
N THR B 129 -9.41 -28.31 6.10
CA THR B 129 -8.93 -29.48 6.84
C THR B 129 -8.94 -30.73 5.96
N ALA B 130 -10.12 -31.06 5.43
CA ALA B 130 -10.27 -32.33 4.71
C ALA B 130 -9.36 -32.41 3.48
N VAL B 131 -9.01 -31.26 2.91
CA VAL B 131 -8.17 -31.20 1.72
C VAL B 131 -6.71 -31.10 2.16
N PRO B 132 -5.88 -32.11 1.89
CA PRO B 132 -4.46 -32.00 2.26
C PRO B 132 -3.69 -30.95 1.47
N GLN B 133 -4.27 -30.42 0.39
CA GLN B 133 -3.59 -29.35 -0.35
C GLN B 133 -3.67 -28.04 0.42
N MET B 134 -4.71 -27.86 1.23
CA MET B 134 -4.89 -26.62 1.96
C MET B 134 -4.02 -26.60 3.21
N ARG B 135 -4.07 -27.69 3.99
CA ARG B 135 -3.31 -27.78 5.24
C ARG B 135 -1.88 -27.32 5.06
N LYS B 136 -1.24 -27.73 3.96
CA LYS B 136 0.11 -27.27 3.67
C LYS B 136 0.15 -25.76 3.51
N ILE B 137 -0.80 -25.21 2.74
CA ILE B 137 -0.80 -23.76 2.49
C ILE B 137 -0.96 -22.99 3.79
N VAL B 138 -1.97 -23.35 4.59
CA VAL B 138 -2.17 -22.69 5.88
C VAL B 138 -0.94 -22.82 6.77
N SER B 139 -0.47 -24.06 6.98
CA SER B 139 0.66 -24.28 7.88
C SER B 139 1.92 -23.59 7.38
N ALA B 140 2.21 -23.72 6.07
CA ALA B 140 3.43 -23.11 5.54
C ALA B 140 3.41 -21.59 5.68
N LEU B 141 2.25 -21.01 5.94
CA LEU B 141 2.14 -19.59 6.25
C LEU B 141 2.07 -19.34 7.74
N ILE B 142 1.52 -20.28 8.51
CA ILE B 142 1.65 -20.21 9.96
C ILE B 142 3.10 -20.52 10.34
N SER B 143 3.81 -21.25 9.49
CA SER B 143 5.24 -21.50 9.70
C SER B 143 6.05 -20.21 9.68
N VAL B 144 5.51 -19.14 9.09
CA VAL B 144 6.20 -17.85 9.10
C VAL B 144 5.97 -17.15 10.44
N ILE B 145 4.83 -17.42 11.09
CA ILE B 145 4.47 -16.70 12.31
C ILE B 145 5.57 -16.74 13.37
N PRO B 146 6.20 -17.89 13.68
CA PRO B 146 7.21 -17.88 14.74
C PRO B 146 8.37 -16.93 14.45
N GLY B 147 8.80 -16.84 13.20
CA GLY B 147 9.84 -15.90 12.82
C GLY B 147 9.44 -14.44 12.93
N MET B 148 8.24 -14.15 13.42
CA MET B 148 7.73 -12.79 13.57
C MET B 148 7.27 -12.45 14.97
N LEU B 149 7.01 -13.45 15.83
CA LEU B 149 6.57 -13.16 17.19
C LEU B 149 7.59 -12.29 17.93
N SER B 150 8.87 -12.41 17.57
CA SER B 150 9.87 -11.49 18.11
C SER B 150 9.59 -10.05 17.68
N VAL B 151 9.04 -9.85 16.49
CA VAL B 151 8.77 -8.50 16.00
C VAL B 151 7.45 -7.97 16.54
N ILE B 152 6.39 -8.78 16.47
CA ILE B 152 5.03 -8.32 16.79
C ILE B 152 4.95 -7.77 18.21
N ALA B 153 5.55 -8.47 19.17
CA ALA B 153 5.45 -8.06 20.57
C ALA B 153 5.99 -6.65 20.79
N LEU B 154 7.05 -6.28 20.07
CA LEU B 154 7.56 -4.90 20.18
C LEU B 154 6.49 -3.88 19.83
N MET B 155 5.75 -4.11 18.74
CA MET B 155 4.77 -3.15 18.27
C MET B 155 3.70 -2.90 19.32
N THR B 156 3.21 -3.96 19.96
CA THR B 156 2.12 -3.83 20.92
C THR B 156 2.49 -2.86 22.05
N LEU B 157 3.69 -3.01 22.63
CA LEU B 157 4.16 -2.04 23.61
C LEU B 157 4.26 -0.66 22.99
N PHE B 158 4.88 -0.58 21.80
CA PHE B 158 4.96 0.67 21.07
C PHE B 158 3.57 1.26 20.87
N PHE B 159 2.63 0.43 20.41
CA PHE B 159 1.23 0.83 20.32
C PHE B 159 0.68 1.21 21.69
N TYR B 160 1.03 0.43 22.72
CA TYR B 160 0.48 0.65 24.05
C TYR B 160 0.96 1.96 24.65
N ILE B 161 2.27 2.26 24.52
CA ILE B 161 2.80 3.50 25.07
C ILE B 161 2.10 4.69 24.46
N PHE B 162 1.89 4.66 23.14
CA PHE B 162 1.34 5.80 22.42
C PHE B 162 -0.13 6.03 22.78
N ALA B 163 -0.93 4.96 22.80
CA ALA B 163 -2.33 5.08 23.16
C ALA B 163 -2.53 5.76 24.50
N ILE B 164 -1.62 5.56 25.45
CA ILE B 164 -1.68 6.24 26.74
C ILE B 164 -1.47 7.74 26.55
N MET B 165 -0.53 8.12 25.69
CA MET B 165 -0.21 9.53 25.49
C MET B 165 -1.42 10.29 24.92
N ALA B 166 -1.93 9.83 23.78
CA ALA B 166 -3.09 10.47 23.16
C ALA B 166 -4.27 10.55 24.11
N THR B 167 -4.67 9.41 24.69
CA THR B 167 -5.91 9.34 25.47
C THR B 167 -5.97 10.39 26.57
N GLN B 168 -4.81 10.80 27.09
CA GLN B 168 -4.73 11.89 28.06
C GLN B 168 -4.22 13.19 27.47
N LEU B 169 -3.92 13.21 26.16
CA LEU B 169 -3.57 14.46 25.49
C LEU B 169 -4.78 15.02 24.75
N PHE B 170 -5.22 14.30 23.72
CA PHE B 170 -6.33 14.74 22.86
C PHE B 170 -7.66 14.12 23.25
N GLY B 171 -7.67 13.16 24.18
CA GLY B 171 -8.90 12.47 24.55
C GLY B 171 -9.96 13.39 25.12
N GLU B 172 -9.56 14.54 25.66
CA GLU B 172 -10.50 15.42 26.32
C GLU B 172 -11.47 16.06 25.33
N ARG B 173 -10.98 16.45 24.15
CA ARG B 173 -11.78 17.11 23.15
C ARG B 173 -12.17 16.20 22.00
N PHE B 174 -11.57 15.01 21.90
CA PHE B 174 -11.83 14.07 20.81
C PHE B 174 -12.16 12.71 21.42
N PRO B 175 -13.36 12.54 22.00
CA PRO B 175 -13.65 11.31 22.74
C PRO B 175 -14.01 10.16 21.83
N GLU B 176 -14.64 10.48 20.68
CA GLU B 176 -14.92 9.46 19.69
C GLU B 176 -13.64 8.81 19.17
N TRP B 177 -12.54 9.57 19.14
CA TRP B 177 -11.25 9.08 18.65
C TRP B 177 -10.31 8.66 19.77
N PHE B 178 -10.23 9.42 20.88
CA PHE B 178 -9.21 9.16 21.89
C PHE B 178 -9.74 9.21 23.31
N GLY B 179 -11.05 9.08 23.53
CA GLY B 179 -11.57 9.17 24.87
C GLY B 179 -11.15 8.01 25.75
N THR B 180 -10.93 6.84 25.15
CA THR B 180 -10.54 5.64 25.85
C THR B 180 -9.21 5.14 25.32
N LEU B 181 -8.43 4.50 26.20
CA LEU B 181 -7.22 3.81 25.77
C LEU B 181 -7.51 2.91 24.57
N GLY B 182 -8.56 2.08 24.69
CA GLY B 182 -8.97 1.27 23.56
C GLY B 182 -9.36 2.09 22.35
N GLU B 183 -9.94 3.26 22.56
CA GLU B 183 -10.30 4.11 21.43
C GLU B 183 -9.06 4.74 20.81
N SER B 184 -8.05 5.03 21.62
CA SER B 184 -6.74 5.41 21.09
C SER B 184 -6.13 4.29 20.28
N PHE B 185 -6.35 3.04 20.70
CA PHE B 185 -5.86 1.89 19.93
C PHE B 185 -6.44 1.91 18.52
N TYR B 186 -7.78 1.91 18.43
CA TYR B 186 -8.43 1.82 17.14
C TYR B 186 -7.97 2.94 16.21
N THR B 187 -7.85 4.17 16.73
CA THR B 187 -7.41 5.29 15.92
C THR B 187 -5.99 5.07 15.43
N LEU B 188 -5.14 4.48 16.27
CA LEU B 188 -3.74 4.28 15.92
C LEU B 188 -3.59 3.17 14.87
N PHE B 189 -4.32 2.12 15.03
CA PHE B 189 -4.28 1.12 14.04
C PHE B 189 -4.78 1.70 12.77
N GLN B 190 -5.84 2.46 12.85
CA GLN B 190 -6.40 3.07 11.67
C GLN B 190 -5.48 4.04 11.04
N VAL B 191 -4.80 4.80 11.86
CA VAL B 191 -3.82 5.70 11.38
C VAL B 191 -2.69 4.94 10.80
N MET B 192 -2.30 3.81 11.41
CA MET B 192 -1.24 2.92 10.94
C MET B 192 -1.59 2.39 9.59
N THR B 193 -2.84 2.08 9.36
CA THR B 193 -3.26 1.61 8.08
C THR B 193 -3.36 2.62 6.95
N LEU B 194 -3.22 3.89 7.25
CA LEU B 194 -3.18 5.05 6.35
C LEU B 194 -4.50 5.43 5.76
N GLU B 195 -5.54 4.91 6.35
CA GLU B 195 -6.87 5.24 5.87
C GLU B 195 -7.38 6.48 6.61
N SER B 196 -7.58 7.57 5.87
CA SER B 196 -8.07 8.82 6.45
C SER B 196 -7.24 9.25 7.65
N TRP B 197 -5.94 8.95 7.64
CA TRP B 197 -5.08 9.28 8.77
C TRP B 197 -4.91 10.80 8.91
N SER B 198 -4.74 11.50 7.78
CA SER B 198 -4.41 12.92 7.80
C SER B 198 -5.67 13.78 7.82
N MET B 199 -6.47 13.70 6.75
CA MET B 199 -7.68 14.51 6.66
C MET B 199 -8.67 14.14 7.76
N GLY B 200 -8.75 12.85 8.09
CA GLY B 200 -9.76 12.40 9.03
C GLY B 200 -9.39 12.60 10.49
N ILE B 201 -8.10 12.56 10.81
CA ILE B 201 -7.63 12.62 12.20
C ILE B 201 -6.65 13.77 12.41
N VAL B 202 -5.57 13.82 11.63
CA VAL B 202 -4.48 14.73 11.96
C VAL B 202 -4.83 16.18 11.62
N ARG B 203 -5.47 16.42 10.47
CA ARG B 203 -5.81 17.79 10.09
C ARG B 203 -6.74 18.45 11.11
N PRO B 204 -7.89 17.87 11.49
CA PRO B 204 -8.72 18.54 12.52
C PRO B 204 -8.01 18.70 13.85
N LEU B 205 -7.24 17.70 14.27
CA LEU B 205 -6.44 17.83 15.49
C LEU B 205 -5.53 19.05 15.43
N MET B 206 -4.89 19.30 14.28
CA MET B 206 -3.98 20.42 14.18
C MET B 206 -4.68 21.77 14.16
N GLU B 207 -6.02 21.79 14.20
CA GLU B 207 -6.76 23.03 14.32
C GLU B 207 -6.92 23.48 15.77
N VAL B 208 -6.78 22.55 16.71
CA VAL B 208 -6.81 22.84 18.14
C VAL B 208 -5.42 22.69 18.76
N TYR B 209 -4.73 21.59 18.45
CA TYR B 209 -3.34 21.36 18.88
C TYR B 209 -2.45 21.41 17.65
N PRO B 210 -1.88 22.57 17.32
CA PRO B 210 -1.17 22.72 16.04
C PRO B 210 0.10 21.87 15.92
N TYR B 211 0.53 21.19 16.97
CA TYR B 211 1.75 20.41 16.95
C TYR B 211 1.51 18.92 16.71
N ALA B 212 0.25 18.49 16.52
CA ALA B 212 -0.06 17.10 16.28
C ALA B 212 0.73 16.50 15.12
N TRP B 213 1.35 17.34 14.28
CA TRP B 213 2.26 16.84 13.27
C TRP B 213 3.55 16.29 13.87
N VAL B 214 3.79 16.54 15.17
CA VAL B 214 4.93 15.94 15.86
C VAL B 214 4.56 14.59 16.49
N PHE B 215 3.32 14.41 16.93
CA PHE B 215 2.90 13.12 17.50
C PHE B 215 2.82 12.05 16.41
N PHE B 216 2.11 12.33 15.32
CA PHE B 216 1.69 11.27 14.41
C PHE B 216 2.64 11.05 13.25
N ILE B 217 3.22 12.11 12.69
CA ILE B 217 4.11 11.95 11.54
C ILE B 217 5.25 10.99 11.86
N PRO B 218 5.90 11.02 13.05
CA PRO B 218 6.89 9.99 13.37
C PRO B 218 6.26 8.62 13.53
N PHE B 219 5.14 8.54 14.27
CA PHE B 219 4.41 7.28 14.38
C PHE B 219 4.15 6.68 13.01
N ILE B 220 3.84 7.52 12.02
CA ILE B 220 3.69 7.03 10.65
C ILE B 220 5.04 6.55 10.11
N PHE B 221 6.13 7.23 10.49
CA PHE B 221 7.46 6.84 10.01
C PHE B 221 7.91 5.52 10.61
N VAL B 222 7.98 5.45 11.94
CA VAL B 222 8.47 4.25 12.62
C VAL B 222 7.66 3.03 12.19
N VAL B 223 6.33 3.09 12.38
CA VAL B 223 5.46 1.97 12.03
C VAL B 223 5.63 1.54 10.57
N THR B 224 5.74 2.51 9.65
CA THR B 224 5.87 2.15 8.24
C THR B 224 7.22 1.51 7.96
N PHE B 225 8.28 2.12 8.50
CA PHE B 225 9.63 1.59 8.32
C PHE B 225 9.74 0.14 8.75
N VAL B 226 9.08 -0.23 9.86
CA VAL B 226 9.10 -1.62 10.33
C VAL B 226 8.56 -2.57 9.27
N MET B 227 7.36 -2.27 8.74
CA MET B 227 6.66 -3.23 7.89
C MET B 227 7.48 -3.59 6.66
N ILE B 228 8.11 -2.59 6.03
CA ILE B 228 8.99 -2.87 4.90
C ILE B 228 10.10 -3.82 5.34
N ASN B 229 10.83 -3.45 6.40
CA ASN B 229 11.91 -4.28 6.89
C ASN B 229 11.43 -5.67 7.33
N LEU B 230 10.19 -5.79 7.78
CA LEU B 230 9.66 -7.10 8.14
C LEU B 230 9.51 -7.98 6.90
N VAL B 231 8.81 -7.49 5.88
CA VAL B 231 8.69 -8.22 4.63
C VAL B 231 10.06 -8.65 4.14
N VAL B 232 11.02 -7.73 4.21
CA VAL B 232 12.40 -8.04 3.86
C VAL B 232 12.95 -9.16 4.73
N ALA B 233 12.69 -9.10 6.04
CA ALA B 233 13.12 -10.18 6.92
C ALA B 233 12.55 -11.52 6.47
N ILE B 234 11.33 -11.52 5.93
CA ILE B 234 10.75 -12.76 5.43
C ILE B 234 11.20 -13.02 3.99
N CYS B 235 11.29 -11.97 3.17
CA CYS B 235 11.73 -12.09 1.78
C CYS B 235 13.12 -12.71 1.69
N TYR C 20 -2.71 -21.20 -52.00
CA TYR C 20 -2.38 -21.99 -50.82
C TYR C 20 -1.05 -21.53 -50.22
N LEU C 21 0.01 -22.31 -50.46
CA LEU C 21 1.32 -21.99 -49.92
C LEU C 21 1.85 -20.66 -50.42
N ARG C 22 1.37 -20.18 -51.58
CA ARG C 22 1.77 -18.87 -52.07
C ARG C 22 1.39 -17.79 -51.07
N ILE C 23 0.17 -17.85 -50.56
CA ILE C 23 -0.25 -16.90 -49.51
C ILE C 23 0.55 -17.16 -48.24
N THR C 24 0.84 -18.44 -47.96
CA THR C 24 1.54 -18.79 -46.72
C THR C 24 2.85 -18.01 -46.60
N ASN C 25 3.47 -17.64 -47.71
CA ASN C 25 4.67 -16.82 -47.65
C ASN C 25 4.31 -15.37 -47.33
N ILE C 26 3.16 -14.91 -47.81
CA ILE C 26 2.67 -13.58 -47.45
C ILE C 26 2.33 -13.55 -45.96
N VAL C 27 1.66 -14.60 -45.47
CA VAL C 27 1.21 -14.62 -44.08
C VAL C 27 2.40 -14.49 -43.14
N GLU C 28 3.35 -15.41 -43.25
CA GLU C 28 4.50 -15.41 -42.35
C GLU C 28 5.60 -14.46 -42.81
N SER C 29 5.26 -13.52 -43.69
CA SER C 29 6.19 -12.48 -44.07
C SER C 29 6.34 -11.47 -42.95
N SER C 30 7.47 -10.78 -42.94
CA SER C 30 7.66 -9.71 -41.97
C SER C 30 6.72 -8.55 -42.28
N PHE C 31 6.50 -8.29 -43.57
CA PHE C 31 5.52 -7.28 -43.98
C PHE C 31 4.18 -7.49 -43.28
N PHE C 32 3.60 -8.68 -43.43
CA PHE C 32 2.31 -8.97 -42.82
C PHE C 32 2.38 -8.76 -41.31
N THR C 33 3.35 -9.42 -40.66
CA THR C 33 3.61 -9.20 -39.24
C THR C 33 3.73 -7.71 -38.93
N LYS C 34 4.62 -7.01 -39.64
CA LYS C 34 4.74 -5.57 -39.48
C LYS C 34 3.43 -4.86 -39.81
N PHE C 35 2.71 -5.33 -40.84
CA PHE C 35 1.50 -4.66 -41.26
C PHE C 35 0.42 -4.74 -40.18
N ILE C 36 0.25 -5.91 -39.56
CA ILE C 36 -0.74 -6.07 -38.50
C ILE C 36 -0.58 -4.97 -37.45
N ILE C 37 0.65 -4.78 -36.97
CA ILE C 37 0.93 -3.79 -35.93
C ILE C 37 0.59 -2.39 -36.41
N TYR C 38 0.66 -2.13 -37.72
CA TYR C 38 0.33 -0.81 -38.25
C TYR C 38 -1.16 -0.50 -38.09
N LEU C 39 -2.03 -1.37 -38.58
CA LEU C 39 -3.46 -1.10 -38.54
C LEU C 39 -3.97 -0.95 -37.12
N ILE C 40 -3.40 -1.73 -36.19
CA ILE C 40 -3.68 -1.55 -34.76
C ILE C 40 -3.50 -0.08 -34.38
N VAL C 41 -2.30 0.44 -34.59
CA VAL C 41 -1.97 1.81 -34.18
C VAL C 41 -2.93 2.82 -34.80
N LEU C 42 -3.33 2.62 -36.05
CA LEU C 42 -4.26 3.57 -36.66
C LEU C 42 -5.63 3.48 -36.03
N ASN C 43 -6.19 2.27 -35.94
CA ASN C 43 -7.51 2.14 -35.34
C ASN C 43 -7.50 2.55 -33.87
N GLY C 44 -6.38 2.34 -33.18
CA GLY C 44 -6.24 2.85 -31.83
C GLY C 44 -6.37 4.35 -31.84
N ILE C 45 -5.50 5.02 -32.61
CA ILE C 45 -5.58 6.47 -32.75
C ILE C 45 -6.94 6.87 -33.32
N THR C 46 -7.48 6.06 -34.24
CA THR C 46 -8.82 6.34 -34.76
C THR C 46 -9.86 6.18 -33.67
N MET C 47 -9.77 5.12 -32.87
CA MET C 47 -10.66 5.00 -31.72
C MET C 47 -10.27 5.98 -30.64
N GLY C 48 -9.01 6.43 -30.62
CA GLY C 48 -8.61 7.49 -29.72
C GLY C 48 -9.12 8.85 -30.12
N LEU C 49 -9.78 8.93 -31.27
CA LEU C 49 -10.54 10.11 -31.66
C LEU C 49 -12.04 9.83 -31.69
N GLU C 50 -12.43 8.55 -31.81
CA GLU C 50 -13.83 8.18 -31.59
C GLU C 50 -14.30 8.55 -30.19
N THR C 51 -13.38 8.81 -29.26
CA THR C 51 -13.75 9.28 -27.94
C THR C 51 -14.12 10.77 -27.95
N SER C 52 -13.28 11.60 -28.56
CA SER C 52 -13.52 13.04 -28.55
C SER C 52 -14.77 13.37 -29.35
N LYS C 53 -15.77 13.95 -28.67
CA LYS C 53 -17.00 14.32 -29.36
C LYS C 53 -16.72 15.33 -30.47
N THR C 54 -15.78 16.25 -30.23
CA THR C 54 -15.48 17.30 -31.19
C THR C 54 -15.07 16.72 -32.54
N PHE C 55 -14.13 15.76 -32.52
CA PHE C 55 -13.67 15.15 -33.77
C PHE C 55 -14.81 14.48 -34.52
N MET C 56 -15.52 13.57 -33.86
CA MET C 56 -16.57 12.75 -34.46
C MET C 56 -17.71 13.55 -35.09
N GLN C 57 -17.68 14.88 -34.98
CA GLN C 57 -18.72 15.70 -35.61
C GLN C 57 -18.46 15.85 -37.11
N SER C 58 -17.31 16.39 -37.46
CA SER C 58 -17.00 16.61 -38.88
C SER C 58 -16.52 15.35 -39.57
N PHE C 59 -15.84 14.45 -38.85
CA PHE C 59 -15.20 13.29 -39.46
C PHE C 59 -15.71 11.97 -38.90
N GLY C 60 -16.78 11.99 -38.09
CA GLY C 60 -17.25 10.75 -37.47
C GLY C 60 -17.69 9.69 -38.45
N VAL C 61 -18.53 10.06 -39.43
CA VAL C 61 -18.97 9.11 -40.43
C VAL C 61 -17.78 8.57 -41.21
N TYR C 62 -16.87 9.46 -41.61
CA TYR C 62 -15.62 9.04 -42.24
C TYR C 62 -14.89 8.06 -41.33
N THR C 63 -15.00 8.25 -40.02
CA THR C 63 -14.30 7.43 -39.03
C THR C 63 -15.05 6.12 -38.80
N THR C 64 -16.35 6.20 -38.52
CA THR C 64 -17.15 5.01 -38.23
C THR C 64 -17.01 3.98 -39.34
N LEU C 65 -16.88 4.43 -40.59
CA LEU C 65 -16.65 3.53 -41.71
C LEU C 65 -15.23 3.00 -41.67
N PHE C 66 -14.25 3.87 -41.37
CA PHE C 66 -12.86 3.45 -41.30
C PHE C 66 -12.71 2.24 -40.40
N ASN C 67 -13.48 2.19 -39.32
CA ASN C 67 -13.47 1.02 -38.44
C ASN C 67 -13.99 -0.21 -39.18
N GLN C 68 -15.07 -0.06 -39.94
CA GLN C 68 -15.59 -1.18 -40.70
C GLN C 68 -14.56 -1.64 -41.73
N ILE C 69 -13.89 -0.68 -42.36
CA ILE C 69 -12.73 -0.98 -43.19
C ILE C 69 -11.73 -1.81 -42.39
N VAL C 70 -11.37 -1.31 -41.19
CA VAL C 70 -10.45 -2.02 -40.31
C VAL C 70 -10.99 -3.39 -39.96
N ILE C 71 -12.22 -3.43 -39.44
CA ILE C 71 -12.82 -4.70 -39.02
C ILE C 71 -13.00 -5.66 -40.19
N THR C 72 -13.05 -5.13 -41.42
CA THR C 72 -13.06 -5.99 -42.60
C THR C 72 -11.73 -6.71 -42.78
N ILE C 73 -10.64 -5.95 -42.91
CA ILE C 73 -9.32 -6.53 -43.14
C ILE C 73 -8.98 -7.55 -42.05
N PHE C 74 -9.34 -7.24 -40.80
CA PHE C 74 -9.00 -8.12 -39.68
C PHE C 74 -9.67 -9.48 -39.78
N THR C 75 -10.77 -9.58 -40.53
CA THR C 75 -11.37 -10.89 -40.76
C THR C 75 -10.42 -11.81 -41.51
N ILE C 76 -9.69 -11.26 -42.48
CA ILE C 76 -8.86 -12.05 -43.38
C ILE C 76 -7.74 -12.77 -42.64
N GLU C 77 -6.91 -12.00 -41.91
CA GLU C 77 -5.69 -12.56 -41.31
C GLU C 77 -5.97 -13.83 -40.52
N ILE C 78 -6.98 -13.80 -39.65
CA ILE C 78 -7.27 -14.96 -38.82
C ILE C 78 -7.77 -16.12 -39.66
N ILE C 79 -8.39 -15.84 -40.81
CA ILE C 79 -8.82 -16.90 -41.71
C ILE C 79 -7.62 -17.63 -42.29
N LEU C 80 -6.70 -16.88 -42.89
CA LEU C 80 -5.49 -17.47 -43.46
C LEU C 80 -4.67 -18.21 -42.40
N ARG C 81 -4.29 -17.49 -41.34
CA ARG C 81 -3.44 -18.06 -40.28
C ARG C 81 -3.96 -19.40 -39.78
N ILE C 82 -5.27 -19.62 -39.81
CA ILE C 82 -5.84 -20.88 -39.33
C ILE C 82 -5.49 -22.01 -40.27
N TYR C 83 -5.76 -21.83 -41.57
CA TYR C 83 -5.48 -22.87 -42.55
C TYR C 83 -4.00 -23.23 -42.56
N VAL C 84 -3.13 -22.24 -42.31
CA VAL C 84 -1.71 -22.51 -42.22
C VAL C 84 -1.38 -23.33 -40.99
N HIS C 85 -2.10 -23.09 -39.88
CA HIS C 85 -1.78 -23.73 -38.61
C HIS C 85 -2.72 -24.89 -38.26
N ARG C 86 -3.97 -24.84 -38.72
CA ARG C 86 -4.97 -25.90 -38.52
C ARG C 86 -5.12 -26.16 -37.01
N ILE C 87 -5.10 -27.41 -36.56
CA ILE C 87 -5.37 -27.72 -35.15
C ILE C 87 -4.32 -27.14 -34.23
N SER C 88 -3.10 -26.89 -34.72
CA SER C 88 -2.08 -26.24 -33.90
C SER C 88 -2.51 -24.83 -33.52
N PHE C 89 -3.36 -24.21 -34.35
CA PHE C 89 -3.79 -22.84 -34.09
C PHE C 89 -4.63 -22.75 -32.82
N PHE C 90 -5.66 -23.60 -32.71
CA PHE C 90 -6.55 -23.56 -31.55
C PHE C 90 -5.98 -24.31 -30.36
N LYS C 91 -4.66 -24.21 -30.19
CA LYS C 91 -3.96 -24.60 -28.98
C LYS C 91 -2.86 -23.61 -28.64
N ASP C 92 -2.60 -22.62 -29.49
CA ASP C 92 -1.63 -21.57 -29.22
C ASP C 92 -2.38 -20.38 -28.65
N PRO C 93 -2.22 -20.06 -27.36
CA PRO C 93 -3.03 -19.00 -26.73
C PRO C 93 -3.05 -17.68 -27.48
N TRP C 94 -1.86 -17.10 -27.72
CA TRP C 94 -1.75 -15.78 -28.31
C TRP C 94 -2.55 -15.67 -29.60
N SER C 95 -2.36 -16.62 -30.51
CA SER C 95 -3.12 -16.64 -31.76
C SER C 95 -4.61 -16.86 -31.50
N LEU C 96 -4.94 -17.80 -30.61
CA LEU C 96 -6.34 -18.07 -30.28
C LEU C 96 -7.07 -16.78 -29.90
N PHE C 97 -6.56 -16.11 -28.87
CA PHE C 97 -7.15 -14.85 -28.40
C PHE C 97 -7.48 -13.91 -29.56
N ASP C 98 -6.51 -13.69 -30.46
CA ASP C 98 -6.67 -12.84 -31.63
C ASP C 98 -8.01 -13.05 -32.34
N PHE C 99 -8.45 -14.31 -32.42
CA PHE C 99 -9.70 -14.61 -33.12
C PHE C 99 -10.91 -13.97 -32.42
N PHE C 100 -11.12 -14.31 -31.14
CA PHE C 100 -12.34 -13.86 -30.44
C PHE C 100 -12.55 -12.37 -30.55
N VAL C 101 -11.47 -11.58 -30.42
CA VAL C 101 -11.57 -10.13 -30.41
C VAL C 101 -12.17 -9.62 -31.72
N VAL C 102 -12.09 -10.40 -32.80
CA VAL C 102 -12.72 -10.03 -34.05
C VAL C 102 -14.22 -10.33 -34.00
N ALA C 103 -14.60 -11.49 -33.48
CA ALA C 103 -16.03 -11.83 -33.37
C ALA C 103 -16.78 -10.76 -32.59
N ILE C 104 -16.23 -10.34 -31.45
CA ILE C 104 -16.76 -9.18 -30.73
C ILE C 104 -16.82 -7.98 -31.67
N SER C 105 -15.70 -7.66 -32.31
CA SER C 105 -15.66 -6.56 -33.28
C SER C 105 -16.57 -6.83 -34.47
N LEU C 106 -16.84 -8.10 -34.75
CA LEU C 106 -17.66 -8.44 -35.92
C LEU C 106 -19.12 -8.06 -35.71
N VAL C 107 -19.67 -8.34 -34.52
CA VAL C 107 -21.08 -8.10 -34.25
C VAL C 107 -21.39 -6.61 -34.40
N PRO C 108 -22.36 -6.24 -35.26
CA PRO C 108 -22.77 -4.84 -35.45
C PRO C 108 -23.27 -4.21 -34.15
N PHE C 113 -27.97 -3.49 -27.63
CA PHE C 113 -26.83 -3.81 -26.78
C PHE C 113 -25.53 -3.28 -27.41
N GLU C 114 -25.47 -1.96 -27.58
CA GLU C 114 -24.31 -1.26 -28.12
C GLU C 114 -22.99 -1.84 -27.63
N ILE C 115 -22.91 -2.08 -26.31
CA ILE C 115 -21.74 -2.56 -25.56
C ILE C 115 -20.65 -3.13 -26.44
N LEU C 116 -21.01 -4.01 -27.39
CA LEU C 116 -20.02 -4.58 -28.29
C LEU C 116 -19.39 -3.52 -29.19
N ARG C 117 -20.21 -2.62 -29.76
CA ARG C 117 -19.67 -1.47 -30.47
C ARG C 117 -18.66 -0.72 -29.60
N VAL C 118 -18.86 -0.75 -28.28
CA VAL C 118 -17.85 -0.25 -27.37
C VAL C 118 -16.78 -1.30 -27.13
N LEU C 119 -17.19 -2.57 -26.98
CA LEU C 119 -16.23 -3.65 -26.78
C LEU C 119 -15.38 -3.93 -28.02
N ARG C 120 -15.70 -3.32 -29.16
CA ARG C 120 -14.83 -3.42 -30.32
C ARG C 120 -13.44 -2.86 -30.05
N VAL C 121 -13.33 -1.93 -29.10
CA VAL C 121 -12.07 -1.28 -28.79
C VAL C 121 -11.04 -2.24 -28.23
N LEU C 122 -11.45 -3.46 -27.88
CA LEU C 122 -10.49 -4.48 -27.46
C LEU C 122 -9.53 -4.84 -28.59
N ARG C 123 -9.92 -4.63 -29.84
CA ARG C 123 -9.08 -4.99 -30.97
C ARG C 123 -7.76 -4.21 -31.00
N LEU C 124 -7.62 -3.17 -30.18
CA LEU C 124 -6.33 -2.50 -30.03
C LEU C 124 -5.41 -3.23 -29.07
N PHE C 125 -5.82 -4.38 -28.54
CA PHE C 125 -4.97 -5.20 -27.69
C PHE C 125 -4.06 -6.13 -28.47
N ARG C 126 -4.42 -6.46 -29.71
CA ARG C 126 -3.64 -7.40 -30.52
C ARG C 126 -2.19 -6.96 -30.71
N LEU C 127 -1.90 -5.66 -30.57
CA LEU C 127 -0.52 -5.18 -30.66
C LEU C 127 0.40 -5.88 -29.68
N VAL C 128 -0.13 -6.41 -28.57
CA VAL C 128 0.67 -7.20 -27.66
C VAL C 128 1.03 -8.54 -28.28
N THR C 129 0.07 -9.18 -28.95
CA THR C 129 0.31 -10.50 -29.54
C THR C 129 1.39 -10.45 -30.60
N ALA C 130 1.23 -9.57 -31.59
CA ALA C 130 2.14 -9.53 -32.75
C ALA C 130 3.58 -9.24 -32.37
N VAL C 131 3.82 -8.61 -31.22
CA VAL C 131 5.15 -8.22 -30.80
C VAL C 131 5.76 -9.39 -30.03
N PRO C 132 6.81 -10.04 -30.53
CA PRO C 132 7.44 -11.14 -29.78
C PRO C 132 8.12 -10.67 -28.51
N GLN C 133 8.35 -9.36 -28.36
CA GLN C 133 8.92 -8.83 -27.13
C GLN C 133 7.88 -8.80 -26.01
N MET C 134 6.59 -8.69 -26.37
CA MET C 134 5.54 -8.58 -25.39
C MET C 134 5.16 -9.94 -24.79
N ARG C 135 4.90 -10.93 -25.65
CA ARG C 135 4.47 -12.24 -25.17
C ARG C 135 5.33 -12.74 -24.02
N LYS C 136 6.66 -12.54 -24.13
CA LYS C 136 7.54 -12.89 -23.01
C LYS C 136 7.16 -12.14 -21.74
N ILE C 137 6.88 -10.83 -21.87
CA ILE C 137 6.53 -10.02 -20.70
C ILE C 137 5.27 -10.58 -20.05
N VAL C 138 4.22 -10.77 -20.85
CA VAL C 138 2.98 -11.38 -20.37
C VAL C 138 3.25 -12.75 -19.76
N SER C 139 3.93 -13.62 -20.51
CA SER C 139 4.15 -14.99 -20.06
C SER C 139 4.92 -15.06 -18.75
N ALA C 140 5.96 -14.25 -18.60
CA ALA C 140 6.78 -14.28 -17.40
C ALA C 140 6.01 -13.91 -16.12
N LEU C 141 4.81 -13.34 -16.25
CA LEU C 141 4.00 -13.00 -15.09
C LEU C 141 2.89 -14.01 -14.80
N ILE C 142 2.36 -14.69 -15.82
CA ILE C 142 1.35 -15.71 -15.59
C ILE C 142 1.92 -16.94 -14.88
N SER C 143 3.23 -17.17 -14.99
CA SER C 143 3.89 -18.25 -14.26
C SER C 143 3.72 -18.14 -12.76
N VAL C 144 3.30 -16.97 -12.26
CA VAL C 144 3.09 -16.81 -10.82
C VAL C 144 1.77 -17.43 -10.37
N ILE C 145 0.76 -17.46 -11.24
CA ILE C 145 -0.56 -17.94 -10.83
C ILE C 145 -0.49 -19.35 -10.26
N PRO C 146 0.20 -20.32 -10.88
CA PRO C 146 0.21 -21.67 -10.27
C PRO C 146 0.84 -21.69 -8.89
N GLY C 147 1.92 -20.94 -8.68
CA GLY C 147 2.45 -20.82 -7.34
C GLY C 147 1.58 -20.01 -6.40
N MET C 148 0.44 -19.53 -6.91
CA MET C 148 -0.52 -18.76 -6.12
C MET C 148 -1.94 -19.30 -6.21
N LEU C 149 -2.27 -20.12 -7.21
CA LEU C 149 -3.61 -20.69 -7.30
C LEU C 149 -3.99 -21.46 -6.04
N SER C 150 -3.01 -22.05 -5.37
CA SER C 150 -3.25 -22.63 -4.06
C SER C 150 -3.69 -21.57 -3.06
N VAL C 151 -3.17 -20.35 -3.20
CA VAL C 151 -3.50 -19.26 -2.28
C VAL C 151 -4.81 -18.59 -2.70
N ILE C 152 -4.95 -18.21 -3.97
CA ILE C 152 -6.12 -17.46 -4.42
C ILE C 152 -7.40 -18.22 -4.10
N ALA C 153 -7.42 -19.52 -4.41
CA ALA C 153 -8.60 -20.33 -4.12
C ALA C 153 -8.93 -20.30 -2.63
N LEU C 154 -7.90 -20.31 -1.78
CA LEU C 154 -8.12 -20.12 -0.35
C LEU C 154 -8.81 -18.78 -0.09
N MET C 155 -8.35 -17.72 -0.77
CA MET C 155 -8.89 -16.38 -0.51
C MET C 155 -10.38 -16.32 -0.77
N THR C 156 -10.84 -16.83 -1.92
CA THR C 156 -12.25 -16.78 -2.27
C THR C 156 -13.09 -17.55 -1.25
N LEU C 157 -12.62 -18.73 -0.85
CA LEU C 157 -13.28 -19.47 0.23
C LEU C 157 -13.34 -18.64 1.49
N PHE C 158 -12.22 -18.02 1.87
CA PHE C 158 -12.18 -17.17 3.05
C PHE C 158 -13.22 -16.06 2.95
N PHE C 159 -13.26 -15.36 1.81
CA PHE C 159 -14.29 -14.33 1.59
C PHE C 159 -15.69 -14.90 1.69
N TYR C 160 -15.91 -16.09 1.12
CA TYR C 160 -17.26 -16.64 1.04
C TYR C 160 -17.82 -16.92 2.43
N ILE C 161 -17.00 -17.53 3.29
CA ILE C 161 -17.42 -17.78 4.66
C ILE C 161 -17.72 -16.45 5.36
N PHE C 162 -16.84 -15.47 5.19
CA PHE C 162 -17.00 -14.19 5.88
C PHE C 162 -18.14 -13.37 5.28
N ALA C 163 -18.21 -13.29 3.94
CA ALA C 163 -19.29 -12.57 3.29
C ALA C 163 -20.66 -13.04 3.78
N ILE C 164 -20.79 -14.34 4.09
CA ILE C 164 -22.02 -14.87 4.65
C ILE C 164 -22.25 -14.31 6.04
N MET C 165 -21.19 -14.21 6.85
CA MET C 165 -21.34 -13.78 8.25
C MET C 165 -21.94 -12.39 8.32
N ALA C 166 -21.34 -11.42 7.63
CA ALA C 166 -21.85 -10.06 7.63
C ALA C 166 -23.33 -10.02 7.21
N THR C 167 -23.65 -10.61 6.06
CA THR C 167 -24.99 -10.47 5.47
C THR C 167 -26.09 -10.88 6.43
N GLN C 168 -25.81 -11.80 7.36
CA GLN C 168 -26.77 -12.15 8.40
C GLN C 168 -26.45 -11.51 9.73
N LEU C 169 -25.39 -10.69 9.79
CA LEU C 169 -25.07 -9.91 10.97
C LEU C 169 -25.55 -8.47 10.81
N PHE C 170 -24.96 -7.73 9.88
CA PHE C 170 -25.27 -6.32 9.66
C PHE C 170 -26.27 -6.10 8.52
N GLY C 171 -26.65 -7.15 7.80
CA GLY C 171 -27.53 -6.98 6.64
C GLY C 171 -28.87 -6.36 6.96
N GLU C 172 -29.33 -6.46 8.22
CA GLU C 172 -30.65 -5.97 8.54
C GLU C 172 -30.71 -4.44 8.55
N ARG C 173 -29.67 -3.78 9.08
CA ARG C 173 -29.69 -2.34 9.19
C ARG C 173 -28.79 -1.61 8.19
N PHE C 174 -27.92 -2.31 7.48
CA PHE C 174 -27.01 -1.69 6.51
C PHE C 174 -27.13 -2.42 5.18
N PRO C 175 -28.25 -2.20 4.44
CA PRO C 175 -28.47 -2.98 3.23
C PRO C 175 -27.67 -2.45 2.05
N GLU C 176 -27.40 -1.14 2.05
CA GLU C 176 -26.58 -0.55 1.01
C GLU C 176 -25.17 -1.14 0.98
N TRP C 177 -24.64 -1.51 2.15
CA TRP C 177 -23.29 -2.05 2.26
C TRP C 177 -23.26 -3.58 2.33
N PHE C 178 -24.20 -4.19 3.06
CA PHE C 178 -24.18 -5.62 3.32
C PHE C 178 -25.54 -6.27 3.07
N GLY C 179 -26.42 -5.62 2.32
CA GLY C 179 -27.74 -6.17 2.10
C GLY C 179 -27.73 -7.43 1.26
N THR C 180 -26.79 -7.55 0.34
CA THR C 180 -26.69 -8.70 -0.55
C THR C 180 -25.32 -9.36 -0.37
N LEU C 181 -25.29 -10.68 -0.55
CA LEU C 181 -24.02 -11.39 -0.61
C LEU C 181 -23.07 -10.73 -1.59
N GLY C 182 -23.55 -10.43 -2.80
CA GLY C 182 -22.73 -9.69 -3.75
C GLY C 182 -22.30 -8.34 -3.21
N GLU C 183 -23.20 -7.67 -2.46
CA GLU C 183 -22.81 -6.43 -1.82
C GLU C 183 -21.94 -6.71 -0.60
N SER C 184 -22.16 -7.85 0.06
CA SER C 184 -21.25 -8.28 1.11
C SER C 184 -19.85 -8.50 0.55
N PHE C 185 -19.77 -9.02 -0.68
CA PHE C 185 -18.48 -9.15 -1.35
C PHE C 185 -17.83 -7.80 -1.55
N TYR C 186 -18.52 -6.91 -2.27
CA TYR C 186 -17.95 -5.64 -2.67
C TYR C 186 -17.45 -4.85 -1.47
N THR C 187 -18.24 -4.78 -0.41
CA THR C 187 -17.85 -4.01 0.78
C THR C 187 -16.64 -4.63 1.46
N LEU C 188 -16.59 -5.96 1.53
CA LEU C 188 -15.48 -6.64 2.19
C LEU C 188 -14.21 -6.57 1.35
N PHE C 189 -14.35 -6.78 0.04
CA PHE C 189 -13.22 -6.64 -0.87
C PHE C 189 -12.65 -5.23 -0.83
N GLN C 190 -13.50 -4.23 -0.59
CA GLN C 190 -13.02 -2.85 -0.43
C GLN C 190 -12.17 -2.71 0.82
N VAL C 191 -12.69 -3.20 1.96
CA VAL C 191 -11.94 -3.15 3.23
C VAL C 191 -10.59 -3.84 3.06
N MET C 192 -10.51 -4.85 2.19
CA MET C 192 -9.24 -5.48 1.89
C MET C 192 -8.25 -4.47 1.32
N THR C 193 -8.69 -3.66 0.36
CA THR C 193 -7.87 -2.60 -0.19
C THR C 193 -7.56 -1.51 0.82
N LEU C 194 -8.25 -1.49 1.96
CA LEU C 194 -8.09 -0.50 3.02
C LEU C 194 -8.60 0.88 2.59
N GLU C 195 -9.39 0.93 1.53
CA GLU C 195 -9.96 2.19 1.08
C GLU C 195 -11.21 2.50 1.88
N SER C 196 -11.17 3.59 2.66
CA SER C 196 -12.30 4.04 3.47
C SER C 196 -12.87 2.92 4.32
N TRP C 197 -12.01 2.00 4.76
CA TRP C 197 -12.46 0.85 5.55
C TRP C 197 -12.93 1.28 6.95
N SER C 198 -12.24 2.23 7.59
CA SER C 198 -12.53 2.56 8.99
C SER C 198 -13.62 3.62 9.10
N MET C 199 -13.31 4.85 8.65
CA MET C 199 -14.30 5.93 8.72
C MET C 199 -15.50 5.63 7.84
N GLY C 200 -15.26 5.02 6.69
CA GLY C 200 -16.32 4.79 5.73
C GLY C 200 -17.18 3.58 6.03
N ILE C 201 -16.64 2.58 6.72
CA ILE C 201 -17.38 1.34 6.90
C ILE C 201 -17.53 0.98 8.38
N VAL C 202 -16.40 0.85 9.09
CA VAL C 202 -16.42 0.23 10.41
C VAL C 202 -16.96 1.20 11.47
N ARG C 203 -16.60 2.48 11.38
CA ARG C 203 -17.07 3.44 12.39
C ARG C 203 -18.58 3.51 12.47
N PRO C 204 -19.33 3.68 11.36
CA PRO C 204 -20.79 3.66 11.50
C PRO C 204 -21.31 2.34 12.05
N LEU C 205 -20.68 1.22 11.65
CA LEU C 205 -21.00 -0.07 12.24
C LEU C 205 -20.87 -0.03 13.76
N MET C 206 -19.82 0.60 14.27
CA MET C 206 -19.61 0.67 15.70
C MET C 206 -20.59 1.61 16.40
N GLU C 207 -21.50 2.26 15.68
CA GLU C 207 -22.54 3.06 16.32
C GLU C 207 -23.76 2.22 16.70
N VAL C 208 -23.97 1.11 16.02
CA VAL C 208 -25.06 0.18 16.32
C VAL C 208 -24.54 -1.12 16.91
N TYR C 209 -23.52 -1.72 16.28
CA TYR C 209 -22.85 -2.93 16.75
C TYR C 209 -21.43 -2.56 17.16
N PRO C 210 -21.20 -2.24 18.43
CA PRO C 210 -19.88 -1.71 18.83
C PRO C 210 -18.72 -2.70 18.69
N TYR C 211 -18.99 -3.98 18.43
CA TYR C 211 -17.94 -4.98 18.30
C TYR C 211 -17.56 -5.31 16.87
N ALA C 212 -18.13 -4.61 15.88
CA ALA C 212 -17.75 -4.87 14.49
C ALA C 212 -16.25 -4.80 14.28
N TRP C 213 -15.51 -4.21 15.22
CA TRP C 213 -14.05 -4.28 15.20
C TRP C 213 -13.53 -5.66 15.55
N VAL C 214 -14.36 -6.58 16.04
CA VAL C 214 -13.91 -7.95 16.26
C VAL C 214 -14.06 -8.74 14.97
N PHE C 215 -15.07 -8.41 14.17
CA PHE C 215 -15.21 -8.99 12.84
C PHE C 215 -14.09 -8.47 11.92
N PHE C 216 -13.88 -7.15 11.93
CA PHE C 216 -13.13 -6.49 10.87
C PHE C 216 -11.63 -6.34 11.17
N ILE C 217 -11.24 -6.03 12.40
CA ILE C 217 -9.81 -5.89 12.71
C ILE C 217 -9.03 -7.17 12.42
N PRO C 218 -9.49 -8.38 12.82
CA PRO C 218 -8.76 -9.61 12.46
C PRO C 218 -8.83 -9.92 10.97
N PHE C 219 -10.03 -9.85 10.39
CA PHE C 219 -10.21 -10.08 8.96
C PHE C 219 -9.19 -9.30 8.14
N ILE C 220 -8.86 -8.07 8.56
CA ILE C 220 -7.84 -7.29 7.88
C ILE C 220 -6.47 -7.94 8.05
N PHE C 221 -6.23 -8.63 9.18
CA PHE C 221 -4.94 -9.27 9.41
C PHE C 221 -4.72 -10.43 8.47
N VAL C 222 -5.61 -11.43 8.52
CA VAL C 222 -5.47 -12.64 7.70
C VAL C 222 -5.32 -12.26 6.23
N VAL C 223 -6.31 -11.51 5.72
CA VAL C 223 -6.28 -11.09 4.31
C VAL C 223 -4.95 -10.41 3.98
N THR C 224 -4.44 -9.56 4.87
CA THR C 224 -3.19 -8.86 4.59
C THR C 224 -2.01 -9.83 4.62
N PHE C 225 -1.94 -10.68 5.65
CA PHE C 225 -0.84 -11.64 5.74
C PHE C 225 -0.76 -12.52 4.50
N VAL C 226 -1.92 -12.95 3.97
CA VAL C 226 -1.94 -13.75 2.75
C VAL C 226 -1.22 -13.03 1.61
N MET C 227 -1.63 -11.78 1.34
CA MET C 227 -1.09 -11.07 0.19
C MET C 227 0.41 -10.83 0.36
N ILE C 228 0.84 -10.43 1.55
CA ILE C 228 2.26 -10.30 1.84
C ILE C 228 2.97 -11.64 1.63
N ASN C 229 2.49 -12.68 2.32
CA ASN C 229 3.10 -14.00 2.20
C ASN C 229 3.09 -14.50 0.75
N LEU C 230 2.12 -14.04 -0.04
CA LEU C 230 2.13 -14.36 -1.47
C LEU C 230 3.32 -13.70 -2.16
N VAL C 231 3.49 -12.39 -1.97
CA VAL C 231 4.62 -11.66 -2.57
C VAL C 231 5.94 -12.35 -2.26
N VAL C 232 6.15 -12.72 -1.00
CA VAL C 232 7.38 -13.41 -0.61
C VAL C 232 7.53 -14.71 -1.38
N ALA C 233 6.45 -15.49 -1.46
CA ALA C 233 6.46 -16.71 -2.26
C ALA C 233 6.86 -16.41 -3.71
N ILE C 234 6.52 -15.22 -4.20
CA ILE C 234 6.92 -14.82 -5.55
C ILE C 234 8.35 -14.30 -5.52
N CYS C 235 8.74 -13.61 -4.45
CA CYS C 235 10.10 -13.12 -4.31
C CYS C 235 11.12 -14.26 -4.39
N VAL C 236 10.82 -15.39 -3.75
CA VAL C 236 11.76 -16.52 -3.75
C VAL C 236 11.92 -17.08 -5.16
N ASP C 237 10.80 -17.42 -5.80
CA ASP C 237 10.84 -17.98 -7.15
C ASP C 237 11.26 -16.95 -8.18
N TYR D 20 45.77 28.55 -21.18
CA TYR D 20 44.84 27.52 -21.62
C TYR D 20 44.67 26.45 -20.56
N LEU D 21 45.52 25.41 -20.62
CA LEU D 21 45.57 24.36 -19.60
C LEU D 21 45.59 24.94 -18.20
N ARG D 22 46.01 26.20 -18.04
CA ARG D 22 45.95 26.87 -16.75
C ARG D 22 44.53 26.93 -16.24
N ILE D 23 43.56 27.22 -17.12
CA ILE D 23 42.16 27.25 -16.72
C ILE D 23 41.69 25.87 -16.30
N THR D 24 42.10 24.83 -17.05
CA THR D 24 41.63 23.47 -16.76
C THR D 24 41.94 23.07 -15.33
N ASN D 25 43.01 23.62 -14.76
CA ASN D 25 43.37 23.32 -13.38
C ASN D 25 42.44 24.02 -12.40
N ILE D 26 41.95 25.20 -12.75
CA ILE D 26 41.03 25.91 -11.86
C ILE D 26 39.71 25.15 -11.73
N VAL D 27 39.16 24.69 -12.86
CA VAL D 27 37.84 24.07 -12.88
C VAL D 27 37.82 22.81 -12.01
N GLU D 28 38.69 21.84 -12.34
CA GLU D 28 38.64 20.55 -11.67
C GLU D 28 39.34 20.56 -10.32
N SER D 29 39.59 21.74 -9.78
CA SER D 29 40.13 21.86 -8.44
C SER D 29 39.03 21.54 -7.42
N SER D 30 39.47 21.11 -6.23
CA SER D 30 38.51 20.87 -5.15
C SER D 30 37.91 22.19 -4.65
N PHE D 31 38.74 23.24 -4.57
CA PHE D 31 38.26 24.57 -4.19
C PHE D 31 37.08 25.02 -5.04
N PHE D 32 37.28 25.06 -6.35
CA PHE D 32 36.25 25.56 -7.27
C PHE D 32 34.94 24.79 -7.13
N THR D 33 35.00 23.46 -7.31
CA THR D 33 33.83 22.61 -7.11
C THR D 33 33.18 22.82 -5.74
N LYS D 34 33.98 22.72 -4.67
CA LYS D 34 33.45 22.93 -3.32
C LYS D 34 32.79 24.29 -3.20
N PHE D 35 33.34 25.32 -3.86
CA PHE D 35 32.78 26.66 -3.75
C PHE D 35 31.38 26.69 -4.34
N ILE D 36 31.21 26.10 -5.52
CA ILE D 36 29.89 26.01 -6.16
C ILE D 36 28.88 25.40 -5.21
N ILE D 37 29.21 24.24 -4.65
CA ILE D 37 28.31 23.51 -3.76
C ILE D 37 27.93 24.36 -2.56
N TYR D 38 28.81 25.26 -2.12
CA TYR D 38 28.48 26.13 -1.01
C TYR D 38 27.38 27.10 -1.42
N LEU D 39 27.53 27.70 -2.60
CA LEU D 39 26.54 28.64 -3.12
C LEU D 39 25.20 27.94 -3.35
N ILE D 40 25.24 26.71 -3.87
CA ILE D 40 24.03 25.88 -4.00
C ILE D 40 23.28 25.82 -2.68
N VAL D 41 23.93 25.28 -1.64
CA VAL D 41 23.30 25.14 -0.33
C VAL D 41 22.78 26.49 0.13
N LEU D 42 23.51 27.57 -0.16
CA LEU D 42 23.08 28.90 0.23
C LEU D 42 21.88 29.38 -0.58
N ASN D 43 21.95 29.29 -1.92
CA ASN D 43 20.84 29.75 -2.74
C ASN D 43 19.57 28.95 -2.46
N GLY D 44 19.72 27.69 -2.06
CA GLY D 44 18.57 26.95 -1.59
C GLY D 44 17.90 27.66 -0.43
N ILE D 45 18.68 27.97 0.61
CA ILE D 45 18.17 28.69 1.78
C ILE D 45 17.56 30.02 1.36
N THR D 46 18.11 30.67 0.33
CA THR D 46 17.54 31.92 -0.15
C THR D 46 16.14 31.72 -0.72
N MET D 47 15.94 30.65 -1.51
CA MET D 47 14.62 30.36 -2.04
C MET D 47 13.67 29.87 -0.96
N GLY D 48 14.19 29.28 0.12
CA GLY D 48 13.38 28.88 1.25
C GLY D 48 12.93 30.01 2.15
N LEU D 49 13.40 31.22 1.89
CA LEU D 49 12.90 32.42 2.56
C LEU D 49 12.12 33.34 1.64
N GLU D 50 12.32 33.23 0.33
CA GLU D 50 11.43 33.86 -0.65
C GLU D 50 10.00 33.39 -0.50
N THR D 51 9.77 32.31 0.24
CA THR D 51 8.41 31.86 0.56
C THR D 51 7.79 32.76 1.62
N SER D 52 8.53 33.03 2.69
CA SER D 52 8.01 33.84 3.79
C SER D 52 7.74 35.26 3.31
N LYS D 53 6.47 35.67 3.35
CA LYS D 53 6.12 37.02 2.92
C LYS D 53 6.84 38.07 3.77
N THR D 54 6.95 37.82 5.07
CA THR D 54 7.61 38.77 5.97
C THR D 54 9.03 39.03 5.51
N PHE D 55 9.78 37.97 5.23
CA PHE D 55 11.16 38.11 4.77
C PHE D 55 11.22 38.92 3.49
N MET D 56 10.53 38.47 2.44
CA MET D 56 10.56 39.18 1.16
C MET D 56 10.06 40.61 1.26
N GLN D 57 9.49 40.99 2.41
CA GLN D 57 9.11 42.38 2.61
C GLN D 57 10.31 43.21 3.07
N SER D 58 10.96 42.78 4.16
CA SER D 58 12.08 43.52 4.71
C SER D 58 13.36 43.30 3.92
N PHE D 59 13.58 42.10 3.37
CA PHE D 59 14.84 41.76 2.72
C PHE D 59 14.68 41.34 1.27
N GLY D 60 13.51 41.57 0.67
CA GLY D 60 13.30 41.18 -0.71
C GLY D 60 14.32 41.79 -1.64
N VAL D 61 14.57 43.09 -1.47
CA VAL D 61 15.58 43.78 -2.28
C VAL D 61 16.95 43.13 -2.10
N TYR D 62 17.31 42.83 -0.85
CA TYR D 62 18.57 42.13 -0.57
C TYR D 62 18.69 40.85 -1.39
N THR D 63 17.58 40.13 -1.56
CA THR D 63 17.60 38.81 -2.17
C THR D 63 17.61 38.86 -3.69
N THR D 64 16.67 39.62 -4.29
CA THR D 64 16.49 39.59 -5.74
C THR D 64 17.80 39.82 -6.47
N LEU D 65 18.68 40.67 -5.94
CA LEU D 65 20.00 40.83 -6.52
C LEU D 65 20.89 39.65 -6.16
N PHE D 66 20.85 39.22 -4.88
CA PHE D 66 21.69 38.12 -4.42
C PHE D 66 21.52 36.88 -5.29
N ASN D 67 20.30 36.62 -5.74
CA ASN D 67 20.05 35.49 -6.63
C ASN D 67 20.77 35.67 -7.96
N GLN D 68 20.73 36.89 -8.51
CA GLN D 68 21.40 37.13 -9.80
C GLN D 68 22.90 36.87 -9.68
N ILE D 69 23.50 37.26 -8.56
CA ILE D 69 24.90 36.94 -8.29
C ILE D 69 25.16 35.45 -8.50
N VAL D 70 24.33 34.61 -7.86
CA VAL D 70 24.51 33.16 -7.95
C VAL D 70 24.41 32.69 -9.40
N ILE D 71 23.28 32.99 -10.06
CA ILE D 71 23.11 32.57 -11.44
C ILE D 71 24.14 33.22 -12.35
N THR D 72 24.70 34.36 -11.94
CA THR D 72 25.84 34.93 -12.66
C THR D 72 27.04 34.00 -12.56
N ILE D 73 27.46 33.67 -11.33
CA ILE D 73 28.60 32.78 -11.11
C ILE D 73 28.39 31.46 -11.82
N PHE D 74 27.17 30.90 -11.72
CA PHE D 74 26.89 29.61 -12.35
C PHE D 74 26.94 29.71 -13.86
N THR D 75 26.65 30.90 -14.42
CA THR D 75 26.82 31.09 -15.85
C THR D 75 28.28 30.93 -16.24
N ILE D 76 29.19 31.51 -15.44
CA ILE D 76 30.61 31.42 -15.75
C ILE D 76 31.08 29.98 -15.71
N GLU D 77 30.83 29.31 -14.58
CA GLU D 77 31.24 27.92 -14.42
C GLU D 77 30.77 27.06 -15.58
N ILE D 78 29.49 27.19 -15.94
CA ILE D 78 28.95 26.38 -17.02
C ILE D 78 29.58 26.76 -18.35
N ILE D 79 29.98 28.03 -18.51
CA ILE D 79 30.74 28.43 -19.68
C ILE D 79 32.13 27.82 -19.64
N LEU D 80 32.82 27.95 -18.50
CA LEU D 80 34.12 27.30 -18.34
C LEU D 80 34.02 25.81 -18.61
N ARG D 81 33.10 25.13 -17.90
CA ARG D 81 32.90 23.69 -18.08
C ARG D 81 32.77 23.34 -19.56
N ILE D 82 32.23 24.25 -20.37
CA ILE D 82 32.09 23.99 -21.79
C ILE D 82 33.46 24.04 -22.46
N TYR D 83 34.21 25.12 -22.25
CA TYR D 83 35.53 25.24 -22.87
C TYR D 83 36.48 24.15 -22.37
N VAL D 84 36.36 23.74 -21.10
CA VAL D 84 37.22 22.68 -20.58
C VAL D 84 36.87 21.34 -21.20
N HIS D 85 35.58 21.08 -21.46
CA HIS D 85 35.14 19.80 -21.97
C HIS D 85 34.81 19.83 -23.46
N ARG D 86 34.40 20.97 -23.99
CA ARG D 86 34.07 21.14 -25.42
C ARG D 86 32.99 20.11 -25.73
N ILE D 87 33.11 19.34 -26.82
CA ILE D 87 32.05 18.41 -27.21
C ILE D 87 31.86 17.31 -26.18
N SER D 88 32.87 17.03 -25.35
CA SER D 88 32.73 16.05 -24.28
C SER D 88 31.70 16.47 -23.26
N PHE D 89 31.43 17.78 -23.13
CA PHE D 89 30.47 18.25 -22.14
C PHE D 89 29.06 17.73 -22.43
N PHE D 90 28.61 17.88 -23.67
CA PHE D 90 27.23 17.52 -24.03
C PHE D 90 27.05 16.02 -24.23
N LYS D 91 27.72 15.23 -23.40
CA LYS D 91 27.46 13.81 -23.24
C LYS D 91 27.47 13.39 -21.78
N ASP D 92 27.82 14.29 -20.86
CA ASP D 92 27.74 13.99 -19.43
C ASP D 92 26.40 14.53 -18.97
N PRO D 93 25.41 13.65 -18.67
CA PRO D 93 24.05 14.12 -18.35
C PRO D 93 24.04 15.18 -17.26
N TRP D 94 24.63 14.84 -16.11
CA TRP D 94 24.65 15.77 -14.98
C TRP D 94 25.21 17.11 -15.43
N SER D 95 26.33 17.08 -16.15
CA SER D 95 26.88 18.31 -16.72
C SER D 95 25.90 18.90 -17.73
N LEU D 96 25.41 18.06 -18.64
CA LEU D 96 24.42 18.50 -19.61
C LEU D 96 23.20 19.10 -18.90
N PHE D 97 22.57 18.31 -18.03
CA PHE D 97 21.38 18.76 -17.29
C PHE D 97 21.61 20.13 -16.66
N ASP D 98 22.70 20.29 -15.90
CA ASP D 98 23.08 21.58 -15.30
C ASP D 98 22.96 22.75 -16.27
N PHE D 99 23.27 22.50 -17.55
CA PHE D 99 23.18 23.56 -18.55
C PHE D 99 21.75 24.10 -18.63
N PHE D 100 20.79 23.23 -18.97
CA PHE D 100 19.42 23.66 -19.16
C PHE D 100 18.87 24.36 -17.91
N VAL D 101 19.15 23.81 -16.73
CA VAL D 101 18.55 24.31 -15.50
C VAL D 101 18.95 25.76 -15.24
N VAL D 102 20.11 26.18 -15.75
CA VAL D 102 20.49 27.59 -15.65
C VAL D 102 19.80 28.40 -16.74
N ALA D 103 19.74 27.86 -17.96
CA ALA D 103 19.00 28.53 -19.03
C ALA D 103 17.57 28.82 -18.58
N ILE D 104 16.93 27.84 -17.94
CA ILE D 104 15.64 28.07 -17.28
C ILE D 104 15.76 29.25 -16.31
N SER D 105 16.77 29.20 -15.44
CA SER D 105 16.97 30.28 -14.47
C SER D 105 17.24 31.61 -15.17
N LEU D 106 17.74 31.59 -16.41
CA LEU D 106 17.98 32.82 -17.14
C LEU D 106 16.68 33.46 -17.57
N VAL D 107 15.74 32.65 -18.07
CA VAL D 107 14.48 33.15 -18.65
C VAL D 107 13.69 33.91 -17.59
N PRO D 108 13.28 35.16 -17.84
CA PRO D 108 12.49 36.02 -16.96
C PRO D 108 11.14 35.41 -16.58
N ARG D 117 9.41 31.54 -13.75
CA ARG D 117 9.79 32.12 -12.47
C ARG D 117 9.79 31.09 -11.34
N VAL D 118 8.91 30.10 -11.45
CA VAL D 118 8.91 28.99 -10.48
C VAL D 118 9.95 27.94 -10.87
N LEU D 119 10.09 27.66 -12.16
CA LEU D 119 11.03 26.63 -12.62
C LEU D 119 12.48 26.97 -12.33
N ARG D 120 12.77 28.20 -11.90
CA ARG D 120 14.13 28.55 -11.50
C ARG D 120 14.61 27.70 -10.32
N VAL D 121 13.68 27.24 -9.48
CA VAL D 121 14.03 26.45 -8.30
C VAL D 121 14.57 25.08 -8.65
N LEU D 122 14.49 24.66 -9.92
CA LEU D 122 15.09 23.39 -10.31
C LEU D 122 16.60 23.40 -10.12
N ARG D 123 17.22 24.58 -10.13
CA ARG D 123 18.67 24.67 -9.94
C ARG D 123 19.12 24.13 -8.60
N LEU D 124 18.19 23.83 -7.69
CA LEU D 124 18.54 23.15 -6.45
C LEU D 124 18.76 21.67 -6.67
N PHE D 125 18.65 21.19 -7.92
CA PHE D 125 19.02 19.82 -8.25
C PHE D 125 20.50 19.68 -8.52
N ARG D 126 21.19 20.77 -8.89
CA ARG D 126 22.61 20.68 -9.15
C ARG D 126 23.36 20.13 -7.93
N LEU D 127 22.77 20.31 -6.73
CA LEU D 127 23.34 19.69 -5.54
C LEU D 127 23.41 18.18 -5.71
N VAL D 128 22.52 17.60 -6.52
CA VAL D 128 22.67 16.19 -6.88
C VAL D 128 23.83 16.01 -7.84
N THR D 129 23.91 16.89 -8.85
CA THR D 129 24.98 16.80 -9.84
C THR D 129 26.34 17.06 -9.20
N ALA D 130 26.48 18.21 -8.53
CA ALA D 130 27.79 18.64 -8.02
C ALA D 130 28.36 17.66 -7.02
N VAL D 131 27.51 16.90 -6.33
CA VAL D 131 27.95 15.93 -5.33
C VAL D 131 28.13 14.60 -6.06
N PRO D 132 29.35 14.08 -6.22
CA PRO D 132 29.54 12.79 -6.89
C PRO D 132 28.99 11.60 -6.13
N GLN D 133 28.64 11.78 -4.85
CA GLN D 133 28.08 10.67 -4.08
C GLN D 133 26.64 10.37 -4.51
N MET D 134 25.94 11.39 -5.01
CA MET D 134 24.56 11.25 -5.43
C MET D 134 24.44 10.64 -6.82
N ARG D 135 25.24 11.15 -7.77
CA ARG D 135 25.18 10.77 -9.18
C ARG D 135 25.00 9.27 -9.38
N LYS D 136 25.74 8.48 -8.61
CA LYS D 136 25.55 7.04 -8.65
C LYS D 136 24.14 6.66 -8.23
N ILE D 137 23.66 7.26 -7.13
CA ILE D 137 22.33 6.91 -6.61
C ILE D 137 21.26 7.15 -7.67
N VAL D 138 21.29 8.34 -8.28
CA VAL D 138 20.38 8.62 -9.39
C VAL D 138 20.57 7.56 -10.48
N SER D 139 21.81 7.39 -10.95
CA SER D 139 22.08 6.42 -12.01
C SER D 139 21.75 5.00 -11.55
N ALA D 140 22.15 4.62 -10.34
CA ALA D 140 21.88 3.28 -9.86
C ALA D 140 20.39 3.01 -9.71
N LEU D 141 19.57 4.06 -9.69
CA LEU D 141 18.12 3.91 -9.67
C LEU D 141 17.50 4.09 -11.05
N ILE D 142 18.11 4.90 -11.92
CA ILE D 142 17.67 4.91 -13.31
C ILE D 142 18.06 3.61 -13.98
N SER D 143 19.08 2.92 -13.45
CA SER D 143 19.45 1.60 -13.95
C SER D 143 18.31 0.60 -13.79
N VAL D 144 17.34 0.88 -12.93
CA VAL D 144 16.18 0.01 -12.78
C VAL D 144 15.18 0.27 -13.91
N ILE D 145 15.15 1.50 -14.42
CA ILE D 145 14.14 1.87 -15.42
C ILE D 145 14.15 0.95 -16.64
N PRO D 146 15.31 0.64 -17.27
CA PRO D 146 15.26 -0.13 -18.53
C PRO D 146 14.66 -1.52 -18.41
N GLY D 147 14.95 -2.26 -17.35
CA GLY D 147 14.42 -3.60 -17.20
C GLY D 147 12.91 -3.66 -17.00
N MET D 148 12.26 -2.50 -17.07
CA MET D 148 10.83 -2.39 -16.85
C MET D 148 10.07 -1.68 -17.96
N LEU D 149 10.74 -0.95 -18.86
CA LEU D 149 10.05 -0.25 -19.94
C LEU D 149 9.18 -1.19 -20.76
N SER D 150 9.55 -2.47 -20.84
CA SER D 150 8.68 -3.46 -21.46
C SER D 150 7.34 -3.53 -20.72
N VAL D 151 7.35 -3.32 -19.41
CA VAL D 151 6.11 -3.33 -18.62
C VAL D 151 5.42 -1.98 -18.72
N ILE D 152 6.17 -0.89 -18.50
CA ILE D 152 5.59 0.45 -18.48
C ILE D 152 4.89 0.76 -19.79
N ALA D 153 5.55 0.46 -20.92
CA ALA D 153 4.96 0.73 -22.22
C ALA D 153 3.64 -0.01 -22.41
N LEU D 154 3.54 -1.21 -21.86
CA LEU D 154 2.28 -1.96 -21.88
C LEU D 154 1.15 -1.18 -21.24
N MET D 155 1.42 -0.54 -20.09
CA MET D 155 0.35 0.11 -19.32
C MET D 155 -0.35 1.19 -20.15
N THR D 156 0.41 2.00 -20.88
CA THR D 156 -0.18 3.09 -21.66
C THR D 156 -1.22 2.56 -22.65
N LEU D 157 -0.87 1.47 -23.36
CA LEU D 157 -1.85 0.81 -24.22
C LEU D 157 -3.06 0.36 -23.42
N PHE D 158 -2.81 -0.33 -22.31
CA PHE D 158 -3.87 -0.78 -21.42
C PHE D 158 -4.75 0.39 -20.97
N PHE D 159 -4.11 1.45 -20.47
CA PHE D 159 -4.83 2.67 -20.10
C PHE D 159 -5.56 3.29 -21.28
N TYR D 160 -4.95 3.28 -22.47
CA TYR D 160 -5.51 4.00 -23.60
C TYR D 160 -6.85 3.41 -24.02
N ILE D 161 -6.92 2.09 -24.12
CA ILE D 161 -8.18 1.45 -24.48
C ILE D 161 -9.24 1.74 -23.42
N PHE D 162 -8.87 1.63 -22.14
CA PHE D 162 -9.83 1.78 -21.06
C PHE D 162 -10.32 3.22 -20.97
N ALA D 163 -9.40 4.18 -21.02
CA ALA D 163 -9.79 5.58 -21.03
C ALA D 163 -10.78 5.87 -22.14
N ILE D 164 -10.63 5.19 -23.29
CA ILE D 164 -11.60 5.31 -24.36
C ILE D 164 -12.93 4.70 -23.95
N MET D 165 -12.90 3.53 -23.30
CA MET D 165 -14.13 2.85 -22.91
C MET D 165 -14.93 3.69 -21.92
N ALA D 166 -14.29 4.06 -20.80
CA ALA D 166 -14.97 4.85 -19.78
C ALA D 166 -15.54 6.13 -20.36
N THR D 167 -14.71 6.93 -21.04
CA THR D 167 -15.14 8.24 -21.52
C THR D 167 -16.40 8.15 -22.37
N GLN D 168 -16.61 7.02 -23.05
CA GLN D 168 -17.85 6.78 -23.77
C GLN D 168 -18.77 5.79 -23.06
N LEU D 169 -18.37 5.29 -21.89
CA LEU D 169 -19.25 4.48 -21.05
C LEU D 169 -19.83 5.35 -19.94
N PHE D 170 -18.99 5.80 -19.02
CA PHE D 170 -19.43 6.61 -17.88
C PHE D 170 -19.24 8.10 -18.13
N GLY D 171 -18.59 8.49 -19.22
CA GLY D 171 -18.37 9.90 -19.50
C GLY D 171 -19.65 10.68 -19.68
N GLU D 172 -20.74 9.99 -20.02
CA GLU D 172 -22.00 10.68 -20.31
C GLU D 172 -22.65 11.22 -19.05
N ARG D 173 -22.62 10.46 -17.96
CA ARG D 173 -23.30 10.86 -16.73
C ARG D 173 -22.36 11.35 -15.64
N PHE D 174 -21.05 11.12 -15.77
CA PHE D 174 -20.05 11.54 -14.78
C PHE D 174 -18.92 12.23 -15.52
N PRO D 175 -19.13 13.47 -15.98
CA PRO D 175 -18.13 14.11 -16.86
C PRO D 175 -16.94 14.67 -16.11
N GLU D 176 -17.16 15.09 -14.85
CA GLU D 176 -16.05 15.56 -14.04
C GLU D 176 -15.00 14.46 -13.86
N TRP D 177 -15.44 13.20 -13.91
CA TRP D 177 -14.57 12.04 -13.76
C TRP D 177 -14.13 11.47 -15.10
N PHE D 178 -15.04 11.42 -16.08
CA PHE D 178 -14.74 10.74 -17.34
C PHE D 178 -15.18 11.55 -18.56
N GLY D 179 -15.36 12.85 -18.44
CA GLY D 179 -15.83 13.63 -19.57
C GLY D 179 -14.81 13.69 -20.68
N THR D 180 -13.53 13.56 -20.34
CA THR D 180 -12.44 13.60 -21.32
C THR D 180 -11.68 12.29 -21.27
N LEU D 181 -11.14 11.89 -22.43
CA LEU D 181 -10.20 10.78 -22.47
C LEU D 181 -9.12 10.98 -21.42
N GLY D 182 -8.51 12.17 -21.40
CA GLY D 182 -7.57 12.51 -20.36
C GLY D 182 -8.18 12.51 -18.98
N GLU D 183 -9.47 12.87 -18.88
CA GLU D 183 -10.13 12.85 -17.58
C GLU D 183 -10.36 11.41 -17.13
N SER D 184 -10.57 10.49 -18.09
CA SER D 184 -10.60 9.07 -17.75
C SER D 184 -9.27 8.61 -17.17
N PHE D 185 -8.16 9.20 -17.62
CA PHE D 185 -6.84 8.85 -17.09
C PHE D 185 -6.77 9.12 -15.59
N TYR D 186 -6.99 10.38 -15.20
CA TYR D 186 -6.78 10.79 -13.82
C TYR D 186 -7.60 9.93 -12.86
N THR D 187 -8.87 9.67 -13.22
CA THR D 187 -9.72 8.86 -12.35
C THR D 187 -9.21 7.42 -12.26
N LEU D 188 -8.72 6.87 -13.37
CA LEU D 188 -8.27 5.49 -13.36
C LEU D 188 -6.96 5.34 -12.60
N PHE D 189 -6.01 6.25 -12.85
CA PHE D 189 -4.77 6.24 -12.08
C PHE D 189 -5.04 6.45 -10.60
N GLN D 190 -6.08 7.24 -10.27
CA GLN D 190 -6.48 7.38 -8.88
C GLN D 190 -7.02 6.06 -8.35
N VAL D 191 -7.97 5.46 -9.08
CA VAL D 191 -8.49 4.15 -8.70
C VAL D 191 -7.35 3.14 -8.64
N MET D 192 -6.34 3.31 -9.50
CA MET D 192 -5.16 2.46 -9.43
C MET D 192 -4.45 2.62 -8.08
N THR D 193 -4.25 3.87 -7.66
CA THR D 193 -3.65 4.18 -6.36
C THR D 193 -4.55 3.76 -5.19
N LEU D 194 -5.80 3.40 -5.45
CA LEU D 194 -6.78 2.96 -4.45
C LEU D 194 -7.25 4.08 -3.54
N GLU D 195 -7.03 5.34 -3.92
CA GLU D 195 -7.55 6.45 -3.12
C GLU D 195 -8.98 6.75 -3.53
N SER D 196 -9.92 6.55 -2.60
CA SER D 196 -11.34 6.83 -2.82
C SER D 196 -11.86 6.20 -4.10
N TRP D 197 -11.29 5.04 -4.48
CA TRP D 197 -11.73 4.37 -5.70
C TRP D 197 -13.15 3.83 -5.55
N SER D 198 -13.48 3.31 -4.38
CA SER D 198 -14.77 2.65 -4.16
C SER D 198 -15.84 3.66 -3.77
N MET D 199 -15.68 4.30 -2.61
CA MET D 199 -16.68 5.25 -2.14
C MET D 199 -16.77 6.46 -3.06
N GLY D 200 -15.64 6.91 -3.59
CA GLY D 200 -15.65 8.12 -4.39
C GLY D 200 -16.04 7.92 -5.84
N ILE D 201 -15.75 6.76 -6.42
CA ILE D 201 -15.98 6.56 -7.85
C ILE D 201 -16.90 5.36 -8.12
N VAL D 202 -16.53 4.18 -7.61
CA VAL D 202 -17.21 2.96 -8.07
C VAL D 202 -18.61 2.88 -7.46
N ARG D 203 -18.76 3.24 -6.19
CA ARG D 203 -20.10 3.21 -5.57
C ARG D 203 -21.10 4.10 -6.29
N PRO D 204 -20.82 5.39 -6.53
CA PRO D 204 -21.80 6.20 -7.28
C PRO D 204 -22.04 5.68 -8.69
N LEU D 205 -20.99 5.19 -9.36
CA LEU D 205 -21.15 4.55 -10.66
C LEU D 205 -22.17 3.43 -10.60
N MET D 206 -22.13 2.62 -9.55
CA MET D 206 -23.02 1.47 -9.42
C MET D 206 -24.47 1.87 -9.14
N GLU D 207 -24.77 3.16 -9.00
CA GLU D 207 -26.13 3.61 -8.85
C GLU D 207 -26.83 3.84 -10.19
N VAL D 208 -26.07 4.03 -11.26
CA VAL D 208 -26.60 4.17 -12.61
C VAL D 208 -26.27 2.94 -13.44
N TYR D 209 -25.02 2.48 -13.40
CA TYR D 209 -24.57 1.27 -14.08
C TYR D 209 -24.24 0.25 -13.00
N PRO D 210 -25.22 -0.55 -12.55
CA PRO D 210 -24.98 -1.43 -11.39
C PRO D 210 -23.97 -2.54 -11.63
N TYR D 211 -23.52 -2.75 -12.87
CA TYR D 211 -22.57 -3.81 -13.17
C TYR D 211 -21.15 -3.29 -13.24
N ALA D 212 -20.94 -1.99 -13.01
CA ALA D 212 -19.60 -1.39 -13.02
C ALA D 212 -18.64 -2.10 -12.07
N TRP D 213 -19.15 -2.90 -11.14
CA TRP D 213 -18.28 -3.73 -10.31
C TRP D 213 -17.60 -4.84 -11.11
N VAL D 214 -18.03 -5.08 -12.34
CA VAL D 214 -17.35 -6.02 -13.23
C VAL D 214 -16.25 -5.31 -14.02
N PHE D 215 -16.42 -4.02 -14.31
CA PHE D 215 -15.38 -3.26 -14.99
C PHE D 215 -14.14 -3.09 -14.11
N PHE D 216 -14.32 -2.63 -12.88
CA PHE D 216 -13.21 -2.08 -12.11
C PHE D 216 -12.53 -3.09 -11.20
N ILE D 217 -13.29 -3.99 -10.56
CA ILE D 217 -12.68 -4.96 -9.65
C ILE D 217 -11.57 -5.75 -10.35
N PRO D 218 -11.74 -6.24 -11.61
CA PRO D 218 -10.60 -6.88 -12.31
C PRO D 218 -9.51 -5.88 -12.66
N PHE D 219 -9.90 -4.73 -13.22
CA PHE D 219 -8.93 -3.68 -13.54
C PHE D 219 -8.02 -3.39 -12.36
N ILE D 220 -8.58 -3.36 -11.13
CA ILE D 220 -7.76 -3.15 -9.96
C ILE D 220 -6.85 -4.36 -9.75
N PHE D 221 -7.34 -5.56 -10.06
CA PHE D 221 -6.51 -6.75 -9.97
C PHE D 221 -5.42 -6.74 -11.04
N VAL D 222 -5.82 -6.54 -12.30
CA VAL D 222 -4.88 -6.56 -13.41
C VAL D 222 -3.71 -5.61 -13.13
N VAL D 223 -4.03 -4.34 -12.90
CA VAL D 223 -3.01 -3.33 -12.59
C VAL D 223 -2.19 -3.73 -11.37
N THR D 224 -2.84 -4.28 -10.34
CA THR D 224 -2.12 -4.60 -9.10
C THR D 224 -1.12 -5.72 -9.34
N PHE D 225 -1.53 -6.76 -10.08
CA PHE D 225 -0.64 -7.89 -10.36
C PHE D 225 0.68 -7.41 -10.95
N VAL D 226 0.65 -6.38 -11.79
CA VAL D 226 1.87 -5.82 -12.38
C VAL D 226 2.87 -5.44 -11.29
N MET D 227 2.41 -4.69 -10.28
CA MET D 227 3.32 -4.10 -9.31
C MET D 227 4.10 -5.13 -8.52
N ILE D 228 3.44 -6.20 -8.05
CA ILE D 228 4.16 -7.23 -7.30
C ILE D 228 5.30 -7.82 -8.12
N ASN D 229 4.99 -8.35 -9.31
CA ASN D 229 6.01 -8.97 -10.14
C ASN D 229 7.14 -8.01 -10.49
N LEU D 230 6.84 -6.70 -10.56
CA LEU D 230 7.92 -5.73 -10.75
C LEU D 230 8.85 -5.70 -9.54
N VAL D 231 8.29 -5.46 -8.34
CA VAL D 231 9.09 -5.43 -7.12
C VAL D 231 9.95 -6.68 -7.01
N VAL D 232 9.34 -7.86 -7.23
CA VAL D 232 10.07 -9.12 -7.18
C VAL D 232 11.16 -9.15 -8.25
N ALA D 233 10.81 -8.79 -9.49
CA ALA D 233 11.79 -8.77 -10.57
C ALA D 233 12.97 -7.85 -10.27
N ILE D 234 12.75 -6.79 -9.50
CA ILE D 234 13.84 -5.85 -9.20
C ILE D 234 14.72 -6.33 -8.07
N CYS D 235 14.15 -7.00 -7.04
CA CYS D 235 14.98 -7.52 -5.96
C CYS D 235 16.09 -8.43 -6.46
N VAL D 236 15.98 -8.92 -7.70
CA VAL D 236 17.07 -9.60 -8.37
C VAL D 236 18.21 -8.62 -8.62
#